data_4DU4
#
_entry.id   4DU4
#
_cell.length_a   78.143
_cell.length_b   119.502
_cell.length_c   130.540
_cell.angle_alpha   90.00
_cell.angle_beta   90.00
_cell.angle_gamma   90.00
#
_symmetry.space_group_name_H-M   'P 21 21 21'
#
loop_
_entity.id
_entity.type
_entity.pdbx_description
1 polymer 'DNA polymerase'
2 polymer 'DNA template'
3 polymer 'DNA primer'
4 non-polymer "2'-DEOXYADENOSINE 5'-TRIPHOSPHATE"
5 non-polymer 'CALCIUM ION'
6 water water
#
loop_
_entity_poly.entity_id
_entity_poly.type
_entity_poly.pdbx_seq_one_letter_code
_entity_poly.pdbx_strand_id
1 'polypeptide(L)'
;MKEFYLTVEQIGDSIFERYIDSNGRERTREVEYKPSLFAHCPESQATKYFDIYGKPCTRKLFANMRDASQWIKRMEDIGL
EALGMDDFKLAYLSDTYNYEIKYDHTKIRVANFDIEVTSPDGFPEPSQAKHPIDAITHYDSIDDRFYVFDLLNSPYGNVE
EWSIEIAAKLQEQGGDEVPSEIIDKIIYMPFDNEKELLMEYLNFWQQKTPVILTGWNVESFAIPYVYNRIKNIFGESTAK
RLSPHRKTRVKVIENMYGSREIITLFGISVLDYIDLYKKFSFTNQPSYSLDYISEFELNVGKLKYDGPISKLRESNHQRY
ISYNIIAVYRVLQIDAKRQFINLSLDMGYYAKIQIQSVFSPIKTWDAIIFNSLKEQNKVIPQGRSHPVQPYPGAFVKEPI
PNRYKYVMSFDLTSLYPSIIRQVNISPETIAGTFKVAPLHDYINAVAERPSDVYSCSPNGMMYYKDRDGVVPTEITKVFN
QRKEHKGYMLAAQRNGEIIKEALHNPNLSVDEPLDVDYRFDFSDEIKEKIKKLSAKSLNEMLFRAQRTEVAGMTAQINRK
LLINSLYGALGNVWFRYYDLRNATAITTFGQMALQWIERKVNEYLNEVCGTEGEAFVLYGDTDSIYVSADKIIDKVGESK
FRDTNHWVDFLDKFARERMEPAIDRGFREMCEYMNNKQHLMFMDREAIAGPPLGSKGIGGFWTGKKRYALNVWDMEGTRY
AEPKLKIMGLETQKSSTPKAVQKALKECIRRMLQEGEESLQEYFKEFEKEFRQLNYISIASVSSANNIAKYDVGGFPGPK
CPFHIRGILTYNRAIKGNIDAPQVVEGEKVYVLPLREGNPFGDKCIAWPSGTEITDLIKDDVLHWMDYTVLLEKTFIKPL
EGFTSAAKLDYEKKASLFDMFDF
;
A
2 'polydeoxyribonucleotide' (DC)(DG)(DT)(DG)(DT)(DT)(DA)(DG)(DC)(DA)(DG)(DT)(DC)(DC)(DG)(DC)(DG) T
3 'polydeoxyribonucleotide' (DG)(DC)(DG)(DG)(DA)(DC)(DT)(DG)(DC)(DT)(4DU)(DA)(DOC) P
#
loop_
_chem_comp.id
_chem_comp.type
_chem_comp.name
_chem_comp.formula
4DU DNA linking 1-(2-deoxy-5-O-phosphono-beta-D-erythro-pentofuranosyl)-1H-imidazo[4,5-c]pyridin-4-amine 'C11 H15 N4 O6 P'
CA non-polymer 'CALCIUM ION' 'Ca 2'
DA DNA linking 2'-DEOXYADENOSINE-5'-MONOPHOSPHATE 'C10 H14 N5 O6 P'
DC DNA linking 2'-DEOXYCYTIDINE-5'-MONOPHOSPHATE 'C9 H14 N3 O7 P'
DG DNA linking 2'-DEOXYGUANOSINE-5'-MONOPHOSPHATE 'C10 H14 N5 O7 P'
DOC DNA linking 2',3'-DIDEOXYCYTIDINE-5'-MONOPHOSPHATE 'C9 H14 N3 O6 P'
DT DNA linking THYMIDINE-5'-MONOPHOSPHATE 'C10 H15 N2 O8 P'
DTP non-polymer '2'-DEOXYADENOSINE 5'-TRIPHOSPHATE' 'C10 H16 N5 O12 P3'
#
# COMPACT_ATOMS: atom_id res chain seq x y z
N MET A 1 2.53 -4.51 -35.22
CA MET A 1 2.26 -3.80 -33.93
C MET A 1 3.28 -2.69 -33.68
N LYS A 2 2.89 -1.70 -32.89
CA LYS A 2 3.77 -0.59 -32.52
C LYS A 2 4.83 -1.05 -31.51
N GLU A 3 6.07 -0.61 -31.72
CA GLU A 3 7.18 -0.98 -30.83
C GLU A 3 7.05 -0.41 -29.42
N PHE A 4 7.65 -1.11 -28.46
CA PHE A 4 7.77 -0.60 -27.10
C PHE A 4 9.03 -1.15 -26.45
N TYR A 5 9.59 -0.38 -25.51
CA TYR A 5 10.80 -0.77 -24.80
C TYR A 5 10.54 -1.80 -23.70
N LEU A 6 11.60 -2.50 -23.31
CA LEU A 6 11.55 -3.41 -22.17
C LEU A 6 12.39 -2.82 -21.05
N THR A 7 13.69 -2.62 -21.29
CA THR A 7 14.57 -2.02 -20.30
C THR A 7 15.46 -0.97 -20.95
N VAL A 8 15.95 -0.03 -20.14
CA VAL A 8 16.87 0.99 -20.61
C VAL A 8 17.90 1.26 -19.52
N GLU A 9 19.16 1.38 -19.92
CA GLU A 9 20.26 1.73 -19.02
C GLU A 9 21.23 2.69 -19.70
N GLN A 10 21.82 3.57 -18.90
CA GLN A 10 22.95 4.39 -19.35
C GLN A 10 24.24 3.83 -18.77
N ILE A 11 25.16 3.47 -19.65
CA ILE A 11 26.49 2.99 -19.26
C ILE A 11 27.51 3.80 -20.05
N GLY A 12 28.17 4.74 -19.36
CA GLY A 12 29.08 5.66 -20.02
C GLY A 12 28.35 6.51 -21.05
N ASP A 13 28.84 6.47 -22.28
CA ASP A 13 28.22 7.24 -23.37
C ASP A 13 27.23 6.43 -24.18
N SER A 14 26.90 5.24 -23.66
CA SER A 14 25.99 4.33 -24.33
C SER A 14 24.65 4.17 -23.61
N ILE A 15 23.58 4.19 -24.39
CA ILE A 15 22.27 3.72 -23.94
C ILE A 15 22.17 2.26 -24.35
N PHE A 16 21.90 1.39 -23.38
CA PHE A 16 21.61 -0.03 -23.65
C PHE A 16 20.12 -0.27 -23.48
N GLU A 17 19.48 -0.72 -24.57
CA GLU A 17 18.03 -0.84 -24.62
C GLU A 17 17.59 -2.23 -25.09
N ARG A 18 16.77 -2.89 -24.28
CA ARG A 18 16.08 -4.10 -24.69
C ARG A 18 14.67 -3.66 -25.07
N TYR A 19 14.18 -4.12 -26.23
CA TYR A 19 12.85 -3.73 -26.68
C TYR A 19 12.15 -4.80 -27.49
N ILE A 20 10.84 -4.61 -27.70
CA ILE A 20 10.05 -5.44 -28.60
C ILE A 20 9.85 -4.71 -29.91
N ASP A 21 10.22 -5.35 -31.04
CA ASP A 21 10.11 -4.72 -32.36
C ASP A 21 8.73 -4.83 -33.02
N SER A 22 8.63 -4.28 -34.23
CA SER A 22 7.35 -4.20 -34.96
C SER A 22 6.70 -5.55 -35.23
N ASN A 23 7.52 -6.60 -35.33
CA ASN A 23 7.03 -7.96 -35.47
C ASN A 23 6.75 -8.65 -34.14
N GLY A 24 7.15 -8.01 -33.05
CA GLY A 24 6.88 -8.53 -31.71
C GLY A 24 8.00 -9.39 -31.15
N ARG A 25 9.20 -9.25 -31.72
CA ARG A 25 10.39 -9.99 -31.26
C ARG A 25 11.23 -9.13 -30.33
N GLU A 26 11.83 -9.78 -29.32
CA GLU A 26 12.78 -9.12 -28.43
C GLU A 26 14.13 -8.82 -29.10
N ARG A 27 14.58 -7.58 -28.93
CA ARG A 27 15.85 -7.12 -29.47
C ARG A 27 16.59 -6.30 -28.42
N THR A 28 17.91 -6.20 -28.58
CA THR A 28 18.75 -5.33 -27.76
C THR A 28 19.57 -4.48 -28.69
N ARG A 29 19.69 -3.19 -28.39
CA ARG A 29 20.56 -2.31 -29.18
C ARG A 29 21.37 -1.38 -28.28
N GLU A 30 22.59 -1.05 -28.72
CA GLU A 30 23.43 -0.09 -28.04
C GLU A 30 23.45 1.21 -28.85
N VAL A 31 23.18 2.33 -28.18
CA VAL A 31 23.14 3.64 -28.84
C VAL A 31 24.05 4.66 -28.17
N GLU A 32 24.99 5.22 -28.95
CA GLU A 32 25.77 6.38 -28.51
C GLU A 32 24.85 7.60 -28.54
N TYR A 33 24.06 7.76 -27.49
CA TYR A 33 23.02 8.79 -27.45
C TYR A 33 23.58 10.19 -27.38
N LYS A 34 23.03 11.07 -28.22
CA LYS A 34 23.45 12.46 -28.32
C LYS A 34 22.37 13.36 -27.68
N PRO A 35 22.54 13.69 -26.39
CA PRO A 35 21.50 14.40 -25.66
C PRO A 35 21.47 15.91 -25.97
N SER A 36 20.37 16.57 -25.62
CA SER A 36 20.32 18.03 -25.69
C SER A 36 19.96 18.62 -24.34
N LEU A 37 20.57 19.77 -24.04
CA LEU A 37 20.17 20.58 -22.91
C LEU A 37 20.02 22.01 -23.42
N PHE A 38 19.60 22.93 -22.56
CA PHE A 38 19.19 24.24 -23.03
C PHE A 38 19.69 25.32 -22.09
N ALA A 39 19.88 26.53 -22.64
CA ALA A 39 20.29 27.71 -21.86
C ALA A 39 19.45 28.91 -22.30
N HIS A 40 19.12 29.79 -21.37
CA HIS A 40 18.43 31.03 -21.73
C HIS A 40 19.25 31.82 -22.70
N CYS A 41 18.58 32.51 -23.61
CA CYS A 41 19.24 33.35 -24.60
C CYS A 41 18.48 34.66 -24.74
N PRO A 42 18.96 35.60 -25.58
CA PRO A 42 18.27 36.88 -25.69
C PRO A 42 16.95 36.80 -26.45
N GLU A 43 16.02 37.68 -26.11
CA GLU A 43 14.71 37.76 -26.76
C GLU A 43 14.84 37.99 -28.26
N SER A 44 15.87 38.75 -28.65
CA SER A 44 16.16 39.06 -30.06
C SER A 44 16.47 37.82 -30.89
N GLN A 45 16.67 36.68 -30.24
CA GLN A 45 17.02 35.44 -30.92
C GLN A 45 15.78 34.59 -31.20
N ALA A 46 15.52 34.36 -32.48
CA ALA A 46 14.41 33.52 -32.94
C ALA A 46 14.68 32.03 -32.63
N THR A 47 13.82 31.44 -31.81
CA THR A 47 13.94 30.04 -31.42
C THR A 47 12.56 29.39 -31.31
N LYS A 48 12.55 28.06 -31.29
CA LYS A 48 11.31 27.31 -31.09
C LYS A 48 11.20 26.77 -29.66
N TYR A 49 12.21 27.03 -28.84
CA TYR A 49 12.27 26.50 -27.49
C TYR A 49 12.05 27.59 -26.44
N PHE A 50 11.12 27.33 -25.53
CA PHE A 50 10.83 28.26 -24.45
C PHE A 50 10.82 27.53 -23.11
N ASP A 51 11.29 28.17 -22.05
CA ASP A 51 11.13 27.57 -20.73
C ASP A 51 9.67 27.73 -20.31
N ILE A 52 9.29 27.15 -19.18
CA ILE A 52 7.87 27.09 -18.79
C ILE A 52 7.26 28.47 -18.47
N TYR A 53 8.13 29.46 -18.24
CA TYR A 53 7.69 30.83 -17.96
C TYR A 53 7.69 31.65 -19.25
N GLY A 54 7.91 30.98 -20.38
CA GLY A 54 7.87 31.62 -21.70
C GLY A 54 9.14 32.38 -22.07
N LYS A 55 10.24 32.09 -21.38
CA LYS A 55 11.52 32.72 -21.68
C LYS A 55 12.23 31.89 -22.72
N PRO A 56 12.76 32.55 -23.78
CA PRO A 56 13.39 31.85 -24.90
C PRO A 56 14.69 31.14 -24.50
N CYS A 57 14.89 29.96 -25.08
CA CYS A 57 16.08 29.15 -24.84
C CYS A 57 16.73 28.70 -26.14
N THR A 58 18.00 28.34 -26.05
CA THR A 58 18.75 27.85 -27.19
C THR A 58 19.19 26.40 -26.93
N ARG A 59 19.08 25.54 -27.94
CA ARG A 59 19.46 24.14 -27.79
C ARG A 59 20.97 23.91 -27.86
N LYS A 60 21.50 23.13 -26.92
CA LYS A 60 22.87 22.64 -27.01
C LYS A 60 22.82 21.14 -27.32
N LEU A 61 23.23 20.77 -28.52
CA LEU A 61 23.28 19.36 -28.91
C LEU A 61 24.70 18.86 -28.66
N PHE A 62 24.82 17.84 -27.81
CA PHE A 62 26.13 17.36 -27.38
C PHE A 62 26.62 16.13 -28.12
N ALA A 63 27.95 16.04 -28.29
CA ALA A 63 28.58 14.92 -28.97
C ALA A 63 28.34 13.58 -28.26
N ASN A 64 28.31 13.63 -26.92
CA ASN A 64 28.02 12.47 -26.07
C ASN A 64 27.44 12.90 -24.73
N MET A 65 27.21 11.93 -23.85
CA MET A 65 26.53 12.19 -22.57
C MET A 65 27.45 12.76 -21.50
N ARG A 66 28.71 12.35 -21.48
CA ARG A 66 29.67 12.90 -20.53
C ARG A 66 29.84 14.40 -20.74
N ASP A 67 29.93 14.81 -22.00
CA ASP A 67 30.07 16.22 -22.36
C ASP A 67 28.89 17.04 -21.85
N ALA A 68 27.69 16.50 -22.02
CA ALA A 68 26.48 17.15 -21.51
C ALA A 68 26.54 17.30 -19.98
N SER A 69 26.98 16.24 -19.30
CA SER A 69 27.14 16.25 -17.83
C SER A 69 28.18 17.28 -17.40
N GLN A 70 29.33 17.28 -18.10
CA GLN A 70 30.42 18.21 -17.82
C GLN A 70 30.02 19.66 -18.09
N TRP A 71 29.04 19.84 -18.99
CA TRP A 71 28.53 21.17 -19.29
C TRP A 71 27.70 21.68 -18.17
N ILE A 72 26.91 20.79 -17.56
CA ILE A 72 26.07 21.14 -16.41
C ILE A 72 26.92 21.61 -15.24
N LYS A 73 28.11 21.01 -15.09
CA LYS A 73 29.07 21.42 -14.07
C LYS A 73 29.63 22.81 -14.36
N ARG A 74 30.04 23.03 -15.60
CA ARG A 74 30.59 24.32 -16.00
C ARG A 74 29.56 25.44 -15.86
N MET A 75 28.30 25.15 -16.18
CA MET A 75 27.21 26.10 -16.01
C MET A 75 26.97 26.46 -14.55
N GLU A 76 26.98 25.44 -13.69
CA GLU A 76 26.86 25.63 -12.24
C GLU A 76 27.96 26.53 -11.67
N ASP A 77 29.19 26.37 -12.16
CA ASP A 77 30.36 27.16 -11.74
C ASP A 77 30.31 28.59 -12.24
N ILE A 78 29.61 28.81 -13.34
CA ILE A 78 29.44 30.13 -13.90
C ILE A 78 28.30 30.85 -13.16
N GLY A 79 27.27 30.10 -12.79
CA GLY A 79 26.11 30.65 -12.09
C GLY A 79 24.89 30.86 -12.99
N LEU A 80 24.73 30.01 -14.00
CA LEU A 80 23.60 30.11 -14.93
C LEU A 80 22.87 28.78 -15.07
N GLU A 81 21.55 28.85 -15.26
CA GLU A 81 20.68 27.66 -15.33
C GLU A 81 20.98 26.76 -16.53
N ALA A 82 21.13 25.47 -16.25
CA ALA A 82 21.30 24.48 -17.30
C ALA A 82 19.97 23.75 -17.41
N LEU A 83 19.21 24.06 -18.44
CA LEU A 83 17.85 23.54 -18.57
C LEU A 83 17.80 22.24 -19.35
N GLY A 84 16.74 21.45 -19.11
CA GLY A 84 16.47 20.23 -19.87
C GLY A 84 16.49 18.98 -19.02
N MET A 85 16.11 17.85 -19.61
CA MET A 85 16.15 16.55 -18.93
C MET A 85 17.60 16.09 -18.74
N ASP A 86 18.03 16.03 -17.48
CA ASP A 86 19.42 15.70 -17.16
C ASP A 86 19.60 14.20 -16.89
N ASP A 87 18.48 13.50 -16.69
CA ASP A 87 18.45 12.02 -16.66
C ASP A 87 18.28 11.53 -18.10
N PHE A 88 19.39 11.32 -18.79
CA PHE A 88 19.40 11.09 -20.24
C PHE A 88 18.56 9.92 -20.76
N LYS A 89 18.44 8.87 -19.95
CA LYS A 89 17.66 7.69 -20.37
C LYS A 89 16.16 8.02 -20.53
N LEU A 90 15.68 8.98 -19.75
CA LEU A 90 14.31 9.45 -19.88
C LEU A 90 14.12 10.24 -21.18
N ALA A 91 15.12 11.03 -21.54
CA ALA A 91 15.09 11.77 -22.79
C ALA A 91 15.13 10.81 -23.96
N TYR A 92 16.03 9.83 -23.88
CA TYR A 92 16.17 8.80 -24.91
C TYR A 92 14.83 8.10 -25.17
N LEU A 93 14.20 7.62 -24.10
CA LEU A 93 12.88 6.99 -24.18
C LEU A 93 11.85 7.93 -24.82
N SER A 94 11.90 9.19 -24.39
CA SER A 94 10.98 10.22 -24.88
C SER A 94 11.16 10.49 -26.38
N ASP A 95 12.42 10.51 -26.84
CA ASP A 95 12.73 10.62 -28.27
C ASP A 95 12.32 9.37 -29.05
N THR A 96 12.57 8.19 -28.47
CA THR A 96 12.41 6.91 -29.20
C THR A 96 10.95 6.50 -29.30
N TYR A 97 10.18 6.82 -28.27
CA TYR A 97 8.76 6.47 -28.18
C TYR A 97 7.95 7.75 -28.04
N ASN A 98 7.92 8.53 -29.12
CA ASN A 98 7.18 9.79 -29.15
C ASN A 98 5.71 9.55 -29.52
N TYR A 99 5.04 8.75 -28.71
CA TYR A 99 3.64 8.38 -28.88
C TYR A 99 3.19 7.67 -27.61
N GLU A 100 1.88 7.53 -27.46
CA GLU A 100 1.28 6.83 -26.32
C GLU A 100 1.58 5.32 -26.43
N ILE A 101 2.45 4.83 -25.56
CA ILE A 101 2.88 3.43 -25.60
C ILE A 101 1.71 2.48 -25.42
N LYS A 102 1.50 1.63 -26.41
CA LYS A 102 0.58 0.51 -26.30
C LYS A 102 1.48 -0.72 -26.21
N TYR A 103 1.46 -1.39 -25.07
CA TYR A 103 2.37 -2.51 -24.83
C TYR A 103 1.60 -3.83 -24.76
N ASP A 104 2.30 -4.93 -24.99
CA ASP A 104 1.69 -6.25 -24.96
C ASP A 104 2.44 -7.11 -23.96
N HIS A 105 1.80 -7.34 -22.81
CA HIS A 105 2.43 -8.05 -21.70
C HIS A 105 2.86 -9.45 -22.04
N THR A 106 2.19 -10.09 -23.00
CA THR A 106 2.51 -11.47 -23.39
C THR A 106 3.92 -11.58 -23.99
N LYS A 107 4.45 -10.45 -24.46
CA LYS A 107 5.80 -10.37 -25.02
C LYS A 107 6.87 -10.04 -23.98
N ILE A 108 6.46 -9.63 -22.79
CA ILE A 108 7.39 -9.24 -21.73
C ILE A 108 7.74 -10.45 -20.86
N ARG A 109 9.02 -10.78 -20.78
CA ARG A 109 9.44 -11.93 -19.98
C ARG A 109 9.45 -11.62 -18.49
N VAL A 110 8.43 -12.09 -17.79
CA VAL A 110 8.35 -11.91 -16.34
C VAL A 110 8.83 -13.19 -15.65
N ALA A 111 9.88 -13.06 -14.85
CA ALA A 111 10.45 -14.22 -14.13
C ALA A 111 10.20 -14.15 -12.64
N ASN A 112 9.83 -15.30 -12.09
CA ASN A 112 9.51 -15.43 -10.69
C ASN A 112 10.35 -16.58 -10.16
N PHE A 113 11.21 -16.31 -9.19
CA PHE A 113 12.12 -17.36 -8.72
C PHE A 113 12.45 -17.36 -7.24
N ASP A 114 12.92 -18.49 -6.76
CA ASP A 114 13.30 -18.66 -5.38
C ASP A 114 14.33 -19.76 -5.32
N ILE A 115 15.26 -19.65 -4.36
CA ILE A 115 16.33 -20.63 -4.23
C ILE A 115 16.33 -21.21 -2.83
N GLU A 116 16.84 -22.42 -2.69
CA GLU A 116 17.09 -22.98 -1.37
C GLU A 116 18.59 -23.12 -1.15
N VAL A 117 19.01 -22.92 0.10
CA VAL A 117 20.41 -23.01 0.52
C VAL A 117 20.45 -23.64 1.92
N THR A 118 20.90 -24.90 2.00
CA THR A 118 21.03 -25.57 3.30
C THR A 118 22.21 -24.98 4.07
N SER A 119 21.98 -24.62 5.33
CA SER A 119 22.98 -23.96 6.15
C SER A 119 22.97 -24.46 7.59
N PRO A 120 23.99 -25.25 7.98
CA PRO A 120 24.03 -25.77 9.35
C PRO A 120 24.58 -24.76 10.37
N ASP A 121 25.18 -23.67 9.90
CA ASP A 121 25.79 -22.67 10.80
C ASP A 121 25.00 -21.36 10.88
N GLY A 122 23.66 -21.47 10.87
CA GLY A 122 22.80 -20.29 10.95
C GLY A 122 22.48 -19.72 9.58
N PHE A 123 22.03 -18.48 9.54
CA PHE A 123 21.54 -17.88 8.29
C PHE A 123 22.62 -17.79 7.22
N PRO A 124 22.33 -18.29 6.01
CA PRO A 124 23.30 -18.20 4.92
C PRO A 124 23.38 -16.80 4.33
N GLU A 125 24.35 -16.02 4.81
CA GLU A 125 24.54 -14.62 4.37
C GLU A 125 24.93 -14.51 2.89
N PRO A 126 24.15 -13.74 2.10
CA PRO A 126 24.43 -13.65 0.66
C PRO A 126 25.75 -12.98 0.31
N SER A 127 26.22 -12.07 1.16
CA SER A 127 27.51 -11.41 0.93
C SER A 127 28.66 -12.41 0.97
N GLN A 128 28.50 -13.47 1.76
CA GLN A 128 29.51 -14.51 1.94
C GLN A 128 29.25 -15.75 1.08
N ALA A 129 27.98 -16.08 0.86
CA ALA A 129 27.57 -17.18 -0.01
C ALA A 129 28.44 -18.43 0.14
N LYS A 130 28.69 -18.85 1.38
CA LYS A 130 29.62 -19.94 1.63
C LYS A 130 28.99 -21.33 1.50
N HIS A 131 27.67 -21.38 1.33
CA HIS A 131 26.95 -22.66 1.23
C HIS A 131 26.41 -22.93 -0.16
N PRO A 132 26.33 -24.21 -0.54
CA PRO A 132 25.80 -24.62 -1.85
C PRO A 132 24.35 -24.18 -2.08
N ILE A 133 24.05 -23.73 -3.30
CA ILE A 133 22.65 -23.56 -3.71
C ILE A 133 22.14 -24.94 -4.14
N ASP A 134 21.18 -25.48 -3.40
CA ASP A 134 20.74 -26.87 -3.62
C ASP A 134 19.35 -26.97 -4.24
N ALA A 135 18.73 -25.83 -4.52
CA ALA A 135 17.46 -25.81 -5.22
C ALA A 135 17.18 -24.44 -5.80
N ILE A 136 16.65 -24.42 -7.03
CA ILE A 136 16.14 -23.22 -7.68
C ILE A 136 14.86 -23.56 -8.45
N THR A 137 13.79 -22.82 -8.19
CA THR A 137 12.60 -22.86 -9.04
C THR A 137 12.42 -21.50 -9.67
N HIS A 138 12.31 -21.50 -10.99
CA HIS A 138 12.29 -20.31 -11.80
C HIS A 138 11.13 -20.44 -12.73
N TYR A 139 10.08 -19.65 -12.49
CA TYR A 139 8.92 -19.61 -13.38
C TYR A 139 9.12 -18.56 -14.47
N ASP A 140 8.82 -18.93 -15.71
CA ASP A 140 8.91 -18.02 -16.85
C ASP A 140 7.51 -17.73 -17.39
N SER A 141 7.14 -16.45 -17.41
CA SER A 141 5.80 -16.03 -17.87
C SER A 141 5.51 -16.31 -19.34
N ILE A 142 6.55 -16.39 -20.17
CA ILE A 142 6.37 -16.62 -21.61
C ILE A 142 6.21 -18.11 -21.95
N ASP A 143 7.02 -18.96 -21.33
CA ASP A 143 6.83 -20.41 -21.44
C ASP A 143 5.67 -20.90 -20.59
N ASP A 144 5.30 -20.12 -19.57
CA ASP A 144 4.31 -20.52 -18.58
C ASP A 144 4.77 -21.85 -17.96
N ARG A 145 6.04 -21.88 -17.57
CA ARG A 145 6.66 -23.11 -17.06
C ARG A 145 7.49 -22.88 -15.79
N PHE A 146 7.42 -23.83 -14.86
CA PHE A 146 8.27 -23.82 -13.68
C PHE A 146 9.50 -24.68 -13.94
N TYR A 147 10.65 -24.04 -14.07
CA TYR A 147 11.91 -24.75 -14.30
C TYR A 147 12.56 -25.03 -12.96
N VAL A 148 12.71 -26.31 -12.64
CA VAL A 148 13.20 -26.74 -11.34
C VAL A 148 14.61 -27.31 -11.45
N PHE A 149 15.54 -26.67 -10.76
CA PHE A 149 16.94 -27.08 -10.70
C PHE A 149 17.21 -27.69 -9.34
N ASP A 150 17.56 -28.98 -9.35
CA ASP A 150 17.61 -29.78 -8.13
C ASP A 150 19.00 -30.39 -7.92
N LEU A 151 19.65 -30.02 -6.82
CA LEU A 151 20.95 -30.59 -6.48
C LEU A 151 20.81 -31.91 -5.69
N LEU A 152 21.35 -32.99 -6.24
CA LEU A 152 21.25 -34.30 -5.61
C LEU A 152 22.41 -34.62 -4.69
N ASN A 153 23.59 -34.11 -5.03
CA ASN A 153 24.80 -34.35 -4.23
C ASN A 153 25.38 -33.09 -3.62
N SER A 154 25.50 -33.09 -2.29
CA SER A 154 25.99 -31.95 -1.54
C SER A 154 26.86 -32.42 -0.39
N PRO A 155 27.79 -31.56 0.08
CA PRO A 155 28.49 -31.79 1.34
C PRO A 155 27.54 -32.09 2.51
N TYR A 156 26.32 -31.53 2.46
CA TYR A 156 25.33 -31.71 3.53
C TYR A 156 24.37 -32.88 3.28
N GLY A 157 24.57 -33.58 2.17
CA GLY A 157 23.87 -34.83 1.96
C GLY A 157 23.62 -35.18 0.51
N ASN A 158 23.67 -36.47 0.22
CA ASN A 158 23.26 -36.98 -1.08
C ASN A 158 21.84 -37.52 -1.00
N VAL A 159 21.00 -37.08 -1.93
CA VAL A 159 19.58 -37.44 -1.91
C VAL A 159 19.14 -38.07 -3.23
N GLU A 160 17.99 -38.73 -3.20
CA GLU A 160 17.39 -39.27 -4.40
C GLU A 160 16.60 -38.19 -5.15
N GLU A 161 16.32 -38.44 -6.43
CA GLU A 161 15.49 -37.54 -7.24
C GLU A 161 14.12 -37.28 -6.62
N TRP A 162 13.57 -36.12 -6.94
CA TRP A 162 12.24 -35.72 -6.50
C TRP A 162 11.19 -36.32 -7.40
N SER A 163 10.10 -36.78 -6.79
CA SER A 163 9.03 -37.47 -7.51
C SER A 163 7.81 -36.59 -7.76
N ILE A 164 7.53 -36.30 -9.03
CA ILE A 164 6.36 -35.50 -9.40
C ILE A 164 5.07 -36.25 -9.04
N GLU A 165 5.10 -37.56 -9.20
CA GLU A 165 3.97 -38.41 -8.85
C GLU A 165 3.63 -38.23 -7.38
N ILE A 166 4.67 -38.25 -6.52
CA ILE A 166 4.48 -38.09 -5.08
C ILE A 166 4.10 -36.65 -4.72
N ALA A 167 4.69 -35.68 -5.42
CA ALA A 167 4.35 -34.28 -5.23
C ALA A 167 2.86 -34.01 -5.45
N ALA A 168 2.30 -34.62 -6.51
CA ALA A 168 0.89 -34.42 -6.87
C ALA A 168 -0.09 -35.07 -5.90
N LYS A 169 0.35 -36.16 -5.27
CA LYS A 169 -0.46 -36.88 -4.27
C LYS A 169 -0.88 -35.97 -3.12
N LEU A 170 -2.07 -36.22 -2.57
CA LEU A 170 -2.55 -35.50 -1.39
C LEU A 170 -1.62 -35.71 -0.21
N GLN A 171 -1.65 -34.79 0.75
CA GLN A 171 -0.82 -34.92 1.93
C GLN A 171 -1.18 -36.18 2.73
N GLU A 172 -2.46 -36.54 2.68
CA GLU A 172 -3.02 -37.70 3.37
C GLU A 172 -2.60 -39.04 2.74
N GLN A 173 -2.10 -38.97 1.51
CA GLN A 173 -1.49 -40.13 0.83
C GLN A 173 0.03 -40.14 1.04
N GLY A 174 0.54 -39.14 1.75
CA GLY A 174 1.98 -38.99 1.96
C GLY A 174 2.65 -38.13 0.90
N GLY A 175 1.86 -37.41 0.10
CA GLY A 175 2.39 -36.54 -0.95
C GLY A 175 2.50 -35.10 -0.52
N ASP A 176 2.80 -34.21 -1.47
CA ASP A 176 3.06 -32.82 -1.14
C ASP A 176 1.94 -31.87 -1.53
N GLU A 177 0.91 -32.40 -2.17
CA GLU A 177 -0.25 -31.61 -2.63
C GLU A 177 0.16 -30.40 -3.47
N VAL A 178 1.13 -30.59 -4.37
CA VAL A 178 1.43 -29.56 -5.36
C VAL A 178 0.16 -29.40 -6.21
N PRO A 179 -0.38 -28.16 -6.30
CA PRO A 179 -1.66 -27.95 -6.97
C PRO A 179 -1.68 -28.54 -8.37
N SER A 180 -2.74 -29.27 -8.68
CA SER A 180 -2.84 -30.01 -9.93
C SER A 180 -2.66 -29.14 -11.19
N GLU A 181 -3.08 -27.88 -11.12
CA GLU A 181 -3.02 -27.00 -12.29
C GLU A 181 -1.60 -26.54 -12.68
N ILE A 182 -0.59 -26.89 -11.88
CA ILE A 182 0.81 -26.60 -12.25
C ILE A 182 1.67 -27.87 -12.44
N ILE A 183 1.13 -29.02 -12.06
CA ILE A 183 1.78 -30.32 -12.25
C ILE A 183 2.33 -30.49 -13.68
N ASP A 184 1.50 -30.20 -14.68
CA ASP A 184 1.91 -30.32 -16.07
C ASP A 184 2.84 -29.21 -16.55
N LYS A 185 2.99 -28.17 -15.74
CA LYS A 185 3.82 -27.02 -16.11
C LYS A 185 5.25 -27.09 -15.56
N ILE A 186 5.55 -28.15 -14.81
CA ILE A 186 6.87 -28.31 -14.20
C ILE A 186 7.88 -28.98 -15.13
N ILE A 187 9.06 -28.37 -15.24
CA ILE A 187 10.19 -29.00 -15.93
C ILE A 187 11.33 -29.24 -14.92
N TYR A 188 11.56 -30.52 -14.62
CA TYR A 188 12.41 -30.94 -13.51
C TYR A 188 13.80 -31.38 -13.97
N MET A 189 14.83 -30.70 -13.48
CA MET A 189 16.21 -30.97 -13.89
C MET A 189 17.11 -31.28 -12.67
N PRO A 190 17.46 -32.57 -12.48
CA PRO A 190 18.36 -32.97 -11.39
C PRO A 190 19.83 -32.75 -11.78
N PHE A 191 20.72 -32.68 -10.77
CA PHE A 191 22.15 -32.45 -11.01
C PHE A 191 23.00 -33.19 -9.98
N ASP A 192 24.13 -33.73 -10.46
CA ASP A 192 25.05 -34.47 -9.61
C ASP A 192 25.95 -33.55 -8.80
N ASN A 193 26.16 -32.34 -9.30
CA ASN A 193 27.03 -31.37 -8.63
C ASN A 193 26.59 -29.93 -8.89
N GLU A 194 26.95 -29.06 -7.94
CA GLU A 194 26.54 -27.67 -7.95
C GLU A 194 27.02 -26.93 -9.18
N LYS A 195 28.30 -27.09 -9.52
CA LYS A 195 28.89 -26.36 -10.65
C LYS A 195 28.05 -26.51 -11.92
N GLU A 196 27.61 -27.74 -12.22
CA GLU A 196 26.87 -27.97 -13.44
C GLU A 196 25.43 -27.48 -13.35
N LEU A 197 24.83 -27.52 -12.15
CA LEU A 197 23.55 -26.88 -11.90
C LEU A 197 23.63 -25.37 -12.23
N LEU A 198 24.66 -24.71 -11.70
CA LEU A 198 24.82 -23.28 -11.87
C LEU A 198 25.14 -22.91 -13.30
N MET A 199 26.00 -23.70 -13.94
CA MET A 199 26.35 -23.50 -15.33
C MET A 199 25.09 -23.58 -16.19
N GLU A 200 24.29 -24.62 -15.95
CA GLU A 200 23.03 -24.81 -16.65
C GLU A 200 22.08 -23.65 -16.36
N TYR A 201 22.04 -23.19 -15.11
CA TYR A 201 21.17 -22.09 -14.74
C TYR A 201 21.51 -20.81 -15.50
N LEU A 202 22.81 -20.52 -15.60
CA LEU A 202 23.29 -19.35 -16.35
C LEU A 202 22.99 -19.45 -17.83
N ASN A 203 23.15 -20.64 -18.40
CA ASN A 203 22.90 -20.81 -19.82
C ASN A 203 21.40 -20.78 -20.14
N PHE A 204 20.61 -21.30 -19.22
CA PHE A 204 19.15 -21.16 -19.23
C PHE A 204 18.76 -19.68 -19.12
N TRP A 205 19.43 -18.96 -18.22
CA TRP A 205 19.24 -17.52 -18.03
C TRP A 205 19.54 -16.73 -19.28
N GLN A 206 20.59 -17.10 -20.01
CA GLN A 206 20.95 -16.42 -21.25
C GLN A 206 19.86 -16.61 -22.32
N GLN A 207 19.32 -17.84 -22.41
CA GLN A 207 18.20 -18.15 -23.30
C GLN A 207 16.92 -17.43 -22.92
N LYS A 208 16.62 -17.38 -21.63
CA LYS A 208 15.39 -16.79 -21.12
C LYS A 208 15.68 -15.66 -20.14
N THR A 209 16.24 -14.56 -20.66
CA THR A 209 16.65 -13.44 -19.81
C THR A 209 15.45 -12.64 -19.32
N PRO A 210 15.24 -12.62 -17.99
CA PRO A 210 14.11 -11.89 -17.43
C PRO A 210 14.14 -10.41 -17.85
N VAL A 211 12.96 -9.85 -18.12
CA VAL A 211 12.79 -8.40 -18.27
C VAL A 211 12.35 -7.87 -16.92
N ILE A 212 11.28 -8.45 -16.38
CA ILE A 212 10.83 -8.18 -15.02
C ILE A 212 11.23 -9.40 -14.19
N LEU A 213 11.97 -9.15 -13.10
CA LEU A 213 12.42 -10.22 -12.23
C LEU A 213 11.78 -10.02 -10.88
N THR A 214 11.05 -11.04 -10.42
CA THR A 214 10.34 -10.90 -9.15
C THR A 214 10.40 -12.14 -8.26
N GLY A 215 9.58 -12.15 -7.22
CA GLY A 215 9.62 -13.20 -6.20
C GLY A 215 9.64 -12.60 -4.81
N TRP A 216 9.81 -13.43 -3.81
CA TRP A 216 9.71 -12.99 -2.43
C TRP A 216 11.05 -12.80 -1.79
N ASN A 217 11.45 -11.55 -1.62
CA ASN A 217 12.77 -11.23 -1.05
C ASN A 217 13.93 -11.48 -2.01
N VAL A 218 13.63 -11.57 -3.31
CA VAL A 218 14.68 -11.80 -4.29
C VAL A 218 15.78 -10.74 -4.25
N GLU A 219 15.42 -9.50 -3.90
CA GLU A 219 16.38 -8.40 -3.89
C GLU A 219 17.38 -8.54 -2.75
N SER A 220 16.90 -8.95 -1.59
CA SER A 220 17.77 -9.03 -0.41
C SER A 220 18.43 -10.39 -0.17
N PHE A 221 17.88 -11.45 -0.75
CA PHE A 221 18.47 -12.79 -0.57
C PHE A 221 18.79 -13.50 -1.89
N ALA A 222 17.76 -13.83 -2.68
CA ALA A 222 17.94 -14.68 -3.86
C ALA A 222 18.95 -14.16 -4.88
N ILE A 223 18.78 -12.92 -5.33
CA ILE A 223 19.66 -12.34 -6.34
C ILE A 223 21.10 -12.17 -5.83
N PRO A 224 21.30 -11.52 -4.66
CA PRO A 224 22.66 -11.43 -4.13
C PRO A 224 23.30 -12.80 -3.80
N TYR A 225 22.51 -13.79 -3.38
CA TYR A 225 23.09 -15.09 -3.10
C TYR A 225 23.57 -15.76 -4.38
N VAL A 226 22.69 -15.80 -5.39
CA VAL A 226 23.06 -16.38 -6.67
C VAL A 226 24.31 -15.70 -7.21
N TYR A 227 24.28 -14.37 -7.30
CA TYR A 227 25.41 -13.59 -7.81
C TYR A 227 26.71 -13.92 -7.11
N ASN A 228 26.69 -13.89 -5.78
CA ASN A 228 27.92 -14.11 -5.00
C ASN A 228 28.40 -15.54 -5.03
N ARG A 229 27.45 -16.47 -5.09
CA ARG A 229 27.80 -17.89 -5.16
C ARG A 229 28.50 -18.18 -6.48
N ILE A 230 27.91 -17.72 -7.58
CA ILE A 230 28.53 -17.90 -8.90
C ILE A 230 29.90 -17.22 -8.96
N LYS A 231 30.01 -16.06 -8.31
CA LYS A 231 31.28 -15.31 -8.23
C LYS A 231 32.39 -16.09 -7.53
N ASN A 232 32.05 -16.67 -6.38
CA ASN A 232 33.01 -17.48 -5.61
C ASN A 232 33.46 -18.74 -6.34
N ILE A 233 32.56 -19.32 -7.13
CA ILE A 233 32.87 -20.57 -7.84
C ILE A 233 33.59 -20.33 -9.17
N PHE A 234 33.05 -19.47 -10.01
CA PHE A 234 33.58 -19.25 -11.37
C PHE A 234 34.33 -17.92 -11.58
N GLY A 235 34.19 -16.98 -10.65
CA GLY A 235 34.77 -15.63 -10.84
C GLY A 235 33.72 -14.58 -11.14
N GLU A 236 34.11 -13.32 -10.98
CA GLU A 236 33.19 -12.19 -11.12
C GLU A 236 32.59 -12.03 -12.52
N SER A 237 33.41 -12.20 -13.55
CA SER A 237 32.92 -12.03 -14.93
C SER A 237 31.84 -13.04 -15.33
N THR A 238 31.90 -14.24 -14.76
CA THR A 238 30.87 -15.25 -14.95
C THR A 238 29.58 -14.83 -14.23
N ALA A 239 29.74 -14.35 -13.00
CA ALA A 239 28.59 -13.84 -12.23
C ALA A 239 27.92 -12.71 -13.00
N LYS A 240 28.70 -12.00 -13.80
CA LYS A 240 28.21 -10.89 -14.61
C LYS A 240 27.36 -11.28 -15.81
N ARG A 241 27.35 -12.57 -16.17
CA ARG A 241 26.40 -13.11 -17.15
C ARG A 241 24.94 -13.00 -16.68
N LEU A 242 24.72 -12.63 -15.43
CA LEU A 242 23.36 -12.39 -14.95
C LEU A 242 22.76 -11.09 -15.50
N SER A 243 23.63 -10.21 -16.00
CA SER A 243 23.21 -8.99 -16.66
C SER A 243 23.34 -9.17 -18.16
N PRO A 244 22.26 -8.90 -18.92
CA PRO A 244 22.31 -8.99 -20.39
C PRO A 244 23.33 -8.05 -21.02
N HIS A 245 23.77 -7.03 -20.28
CA HIS A 245 24.82 -6.12 -20.77
C HIS A 245 26.12 -6.37 -20.06
N ARG A 246 26.19 -7.49 -19.34
CA ARG A 246 27.40 -7.90 -18.59
C ARG A 246 27.90 -6.84 -17.60
N LYS A 247 26.96 -6.07 -17.05
CA LYS A 247 27.31 -5.01 -16.09
C LYS A 247 26.50 -5.07 -14.80
N THR A 248 27.20 -5.07 -13.68
CA THR A 248 26.58 -5.07 -12.37
C THR A 248 27.15 -3.96 -11.47
N ARG A 249 26.38 -3.56 -10.47
CA ARG A 249 26.85 -2.63 -9.44
C ARG A 249 26.58 -3.25 -8.07
N VAL A 250 27.62 -3.31 -7.23
CA VAL A 250 27.54 -3.94 -5.92
C VAL A 250 27.63 -2.90 -4.79
N LYS A 251 26.57 -2.75 -4.01
CA LYS A 251 26.62 -1.86 -2.85
C LYS A 251 26.38 -2.55 -1.51
N VAL A 252 27.29 -2.28 -0.57
CA VAL A 252 27.34 -2.94 0.74
C VAL A 252 26.75 -2.07 1.86
N ILE A 253 25.91 -2.68 2.70
CA ILE A 253 25.36 -2.02 3.89
C ILE A 253 25.93 -2.66 5.16
N GLU A 254 26.44 -1.82 6.05
CA GLU A 254 27.04 -2.26 7.31
C GLU A 254 26.50 -1.47 8.49
N ASN A 255 26.51 -2.09 9.68
CA ASN A 255 26.04 -1.45 10.91
C ASN A 255 26.93 -1.73 12.13
N MET A 256 26.84 -2.95 12.67
CA MET A 256 27.69 -3.36 13.79
C MET A 256 28.15 -4.82 13.68
N TYR A 257 27.20 -5.72 13.45
CA TYR A 257 27.49 -7.16 13.39
C TYR A 257 27.46 -7.71 11.95
N GLY A 258 26.28 -7.69 11.32
CA GLY A 258 26.09 -8.27 9.99
C GLY A 258 26.40 -7.33 8.83
N SER A 259 26.86 -7.92 7.74
CA SER A 259 27.15 -7.19 6.51
C SER A 259 26.24 -7.68 5.38
N ARG A 260 25.58 -6.74 4.70
CA ARG A 260 24.65 -7.08 3.60
C ARG A 260 24.96 -6.35 2.29
N GLU A 261 24.39 -6.85 1.20
CA GLU A 261 24.58 -6.29 -0.14
C GLU A 261 23.29 -6.31 -0.97
N ILE A 262 23.11 -5.27 -1.80
CA ILE A 262 22.18 -5.39 -2.92
C ILE A 262 22.91 -5.21 -4.25
N ILE A 263 22.56 -6.06 -5.22
CA ILE A 263 23.25 -6.10 -6.50
C ILE A 263 22.33 -5.53 -7.57
N THR A 264 22.84 -4.55 -8.30
CA THR A 264 22.10 -4.03 -9.44
C THR A 264 22.53 -4.81 -10.67
N LEU A 265 21.54 -5.39 -11.35
CA LEU A 265 21.76 -6.12 -12.59
C LEU A 265 21.30 -5.23 -13.73
N PHE A 266 22.26 -4.64 -14.44
CA PHE A 266 21.94 -3.72 -15.52
C PHE A 266 21.24 -4.46 -16.65
N GLY A 267 20.09 -3.94 -17.09
CA GLY A 267 19.30 -4.53 -18.17
C GLY A 267 18.16 -5.40 -17.67
N ILE A 268 18.04 -5.51 -16.35
CA ILE A 268 16.91 -6.19 -15.69
C ILE A 268 16.17 -5.16 -14.82
N SER A 269 14.85 -5.27 -14.76
CA SER A 269 14.06 -4.45 -13.86
C SER A 269 13.57 -5.36 -12.75
N VAL A 270 14.22 -5.26 -11.59
CA VAL A 270 13.87 -6.06 -10.45
C VAL A 270 12.73 -5.38 -9.71
N LEU A 271 11.64 -6.12 -9.53
CA LEU A 271 10.53 -5.66 -8.69
C LEU A 271 10.26 -6.73 -7.66
N ASP A 272 10.93 -6.61 -6.51
CA ASP A 272 10.76 -7.57 -5.45
C ASP A 272 9.31 -7.50 -4.99
N TYR A 273 8.61 -8.64 -5.04
CA TYR A 273 7.19 -8.63 -4.70
C TYR A 273 6.90 -8.11 -3.29
N ILE A 274 7.81 -8.35 -2.34
CA ILE A 274 7.63 -7.81 -1.00
C ILE A 274 7.56 -6.27 -1.03
N ASP A 275 8.34 -5.66 -1.90
CA ASP A 275 8.35 -4.19 -2.06
C ASP A 275 7.08 -3.70 -2.73
N LEU A 276 6.65 -4.39 -3.78
CA LEU A 276 5.39 -4.09 -4.45
C LEU A 276 4.24 -4.20 -3.46
N TYR A 277 4.25 -5.28 -2.67
CA TYR A 277 3.22 -5.52 -1.70
C TYR A 277 3.17 -4.39 -0.66
N LYS A 278 4.32 -4.05 -0.10
CA LYS A 278 4.39 -2.99 0.89
C LYS A 278 3.93 -1.63 0.38
N LYS A 279 4.22 -1.34 -0.90
CA LYS A 279 3.82 -0.05 -1.47
C LYS A 279 2.38 0.01 -1.99
N PHE A 280 1.91 -1.10 -2.55
CA PHE A 280 0.65 -1.06 -3.28
C PHE A 280 -0.53 -1.74 -2.60
N SER A 281 -0.28 -2.51 -1.54
CA SER A 281 -1.34 -3.32 -0.91
C SER A 281 -2.21 -2.56 0.09
N PHE A 282 -1.69 -1.45 0.61
CA PHE A 282 -2.37 -0.70 1.67
C PHE A 282 -2.74 -1.55 2.89
N THR A 283 -1.85 -2.47 3.25
CA THR A 283 -1.92 -3.16 4.53
C THR A 283 -0.71 -2.78 5.36
N ASN A 284 -0.77 -3.05 6.66
CA ASN A 284 0.45 -3.15 7.46
C ASN A 284 0.36 -4.44 8.25
N GLN A 285 1.24 -5.37 7.90
CA GLN A 285 1.20 -6.73 8.39
C GLN A 285 2.13 -6.92 9.58
N PRO A 286 1.73 -7.76 10.56
CA PRO A 286 2.62 -8.01 11.69
C PRO A 286 3.82 -8.86 11.30
N SER A 287 3.74 -9.49 10.13
CA SER A 287 4.78 -10.37 9.61
C SER A 287 4.80 -10.31 8.09
N TYR A 288 5.96 -10.54 7.50
CA TYR A 288 6.10 -10.52 6.06
C TYR A 288 6.74 -11.77 5.50
N SER A 289 6.63 -12.87 6.24
CA SER A 289 6.98 -14.17 5.71
C SER A 289 5.97 -14.51 4.62
N LEU A 290 6.36 -15.31 3.65
CA LEU A 290 5.45 -15.67 2.56
C LEU A 290 4.26 -16.50 3.05
N ASP A 291 4.51 -17.42 3.99
CA ASP A 291 3.47 -18.22 4.62
C ASP A 291 2.35 -17.35 5.17
N TYR A 292 2.72 -16.34 5.94
CA TYR A 292 1.78 -15.39 6.54
C TYR A 292 0.97 -14.61 5.50
N ILE A 293 1.65 -14.07 4.49
CA ILE A 293 0.98 -13.25 3.51
C ILE A 293 0.08 -14.10 2.62
N SER A 294 0.56 -15.28 2.23
CA SER A 294 -0.26 -16.23 1.44
C SER A 294 -1.52 -16.60 2.22
N GLU A 295 -1.36 -16.95 3.48
CA GLU A 295 -2.53 -17.22 4.31
C GLU A 295 -3.48 -16.02 4.36
N PHE A 296 -2.92 -14.83 4.53
CA PHE A 296 -3.73 -13.61 4.58
C PHE A 296 -4.45 -13.35 3.24
N GLU A 297 -3.72 -13.50 2.15
CA GLU A 297 -4.24 -13.13 0.84
C GLU A 297 -5.11 -14.23 0.23
N LEU A 298 -4.72 -15.49 0.46
CA LEU A 298 -5.25 -16.63 -0.27
C LEU A 298 -6.04 -17.62 0.57
N ASN A 299 -5.96 -17.48 1.90
CA ASN A 299 -6.62 -18.41 2.80
C ASN A 299 -6.05 -19.83 2.66
N VAL A 300 -4.84 -19.93 2.12
CA VAL A 300 -4.16 -21.21 2.04
C VAL A 300 -3.46 -21.51 3.37
N GLY A 301 -3.40 -22.79 3.71
CA GLY A 301 -2.76 -23.25 4.94
C GLY A 301 -1.25 -23.08 4.93
N LYS A 302 -0.66 -22.99 6.11
CA LYS A 302 0.78 -22.80 6.27
C LYS A 302 1.56 -24.06 5.84
N LEU A 303 2.57 -23.86 5.00
CA LEU A 303 3.43 -24.94 4.50
C LEU A 303 4.25 -25.59 5.61
N LYS A 304 3.64 -26.50 6.35
CA LYS A 304 4.29 -27.08 7.53
C LYS A 304 5.20 -28.26 7.20
N TYR A 305 6.27 -28.39 7.98
CA TYR A 305 7.20 -29.51 7.88
C TYR A 305 7.76 -29.83 9.26
N ASP A 306 8.33 -31.02 9.40
CA ASP A 306 8.92 -31.42 10.67
C ASP A 306 10.42 -31.12 10.68
N GLY A 307 10.93 -30.71 11.83
CA GLY A 307 12.35 -30.34 11.99
C GLY A 307 12.68 -28.95 11.46
N PRO A 308 13.93 -28.50 11.67
CA PRO A 308 14.38 -27.18 11.16
C PRO A 308 14.64 -27.21 9.66
N ILE A 309 14.56 -26.05 9.01
CA ILE A 309 14.79 -25.97 7.55
C ILE A 309 16.21 -26.41 7.18
N SER A 310 17.15 -26.25 8.10
CA SER A 310 18.55 -26.63 7.92
C SER A 310 18.75 -28.15 7.79
N LYS A 311 17.70 -28.90 8.12
CA LYS A 311 17.73 -30.36 8.04
C LYS A 311 16.61 -30.93 7.18
N LEU A 312 15.82 -30.06 6.56
CA LEU A 312 14.69 -30.51 5.74
C LEU A 312 15.13 -31.25 4.48
N ARG A 313 16.19 -30.76 3.84
CA ARG A 313 16.70 -31.39 2.62
C ARG A 313 17.13 -32.85 2.86
N GLU A 314 17.90 -33.09 3.90
CA GLU A 314 18.39 -34.43 4.21
C GLU A 314 17.30 -35.39 4.70
N SER A 315 16.41 -34.89 5.56
CA SER A 315 15.36 -35.72 6.13
C SER A 315 14.16 -35.93 5.19
N ASN A 316 13.88 -34.94 4.35
CA ASN A 316 12.73 -35.00 3.45
C ASN A 316 12.89 -34.16 2.18
N HIS A 317 13.80 -34.62 1.33
CA HIS A 317 14.11 -33.95 0.08
C HIS A 317 12.90 -33.83 -0.79
N GLN A 318 12.04 -34.84 -0.76
CA GLN A 318 10.79 -34.84 -1.53
C GLN A 318 10.00 -33.55 -1.26
N ARG A 319 9.79 -33.26 0.02
CA ARG A 319 9.00 -32.13 0.48
C ARG A 319 9.73 -30.81 0.25
N TYR A 320 11.03 -30.82 0.57
CA TYR A 320 11.94 -29.69 0.35
C TYR A 320 11.78 -29.08 -1.05
N ILE A 321 11.90 -29.91 -2.08
CA ILE A 321 11.75 -29.44 -3.45
C ILE A 321 10.33 -28.97 -3.74
N SER A 322 9.35 -29.77 -3.33
CA SER A 322 7.94 -29.43 -3.51
C SER A 322 7.59 -28.08 -2.91
N TYR A 323 8.13 -27.80 -1.73
CA TYR A 323 7.86 -26.52 -1.06
C TYR A 323 8.54 -25.35 -1.75
N ASN A 324 9.70 -25.61 -2.37
CA ASN A 324 10.36 -24.61 -3.19
C ASN A 324 9.43 -24.21 -4.34
N ILE A 325 8.85 -25.21 -5.01
CA ILE A 325 7.97 -24.99 -6.14
C ILE A 325 6.69 -24.23 -5.74
N ILE A 326 6.06 -24.68 -4.66
CA ILE A 326 4.83 -24.09 -4.14
C ILE A 326 5.01 -22.62 -3.75
N ALA A 327 6.13 -22.32 -3.09
CA ALA A 327 6.41 -20.95 -2.63
C ALA A 327 6.48 -19.99 -3.82
N VAL A 328 7.00 -20.47 -4.95
CA VAL A 328 7.03 -19.68 -6.18
C VAL A 328 5.63 -19.49 -6.77
N TYR A 329 4.85 -20.58 -6.83
CA TYR A 329 3.46 -20.47 -7.27
C TYR A 329 2.65 -19.49 -6.41
N ARG A 330 2.87 -19.51 -5.09
CA ARG A 330 2.14 -18.62 -4.20
C ARG A 330 2.29 -17.14 -4.55
N VAL A 331 3.49 -16.74 -4.97
CA VAL A 331 3.68 -15.36 -5.42
C VAL A 331 2.83 -15.07 -6.65
N LEU A 332 2.77 -16.03 -7.56
CA LEU A 332 1.95 -15.89 -8.77
C LEU A 332 0.45 -15.81 -8.42
N GLN A 333 0.03 -16.63 -7.47
CA GLN A 333 -1.33 -16.58 -6.98
C GLN A 333 -1.67 -15.22 -6.36
N ILE A 334 -0.77 -14.70 -5.53
CA ILE A 334 -0.98 -13.38 -4.95
C ILE A 334 -1.08 -12.32 -6.04
N ASP A 335 -0.19 -12.38 -7.02
CA ASP A 335 -0.24 -11.41 -8.11
C ASP A 335 -1.48 -11.54 -8.98
N ALA A 336 -1.97 -12.78 -9.16
CA ALA A 336 -3.22 -13.02 -9.89
C ALA A 336 -4.37 -12.26 -9.23
N LYS A 337 -4.31 -12.19 -7.91
CA LYS A 337 -5.31 -11.48 -7.12
C LYS A 337 -5.08 -9.96 -7.13
N ARG A 338 -3.89 -9.53 -6.74
CA ARG A 338 -3.62 -8.13 -6.44
C ARG A 338 -3.21 -7.31 -7.66
N GLN A 339 -2.59 -7.97 -8.64
CA GLN A 339 -2.24 -7.37 -9.93
C GLN A 339 -1.30 -6.16 -9.82
N PHE A 340 -0.23 -6.33 -9.05
CA PHE A 340 0.76 -5.28 -8.89
C PHE A 340 1.75 -5.22 -10.06
N ILE A 341 2.03 -6.36 -10.69
CA ILE A 341 2.87 -6.39 -11.89
C ILE A 341 2.18 -5.62 -13.02
N ASN A 342 0.90 -5.91 -13.23
CA ASN A 342 0.08 -5.20 -14.22
C ASN A 342 0.08 -3.68 -13.97
N LEU A 343 -0.10 -3.29 -12.70
CA LEU A 343 -0.08 -1.90 -12.29
C LEU A 343 1.28 -1.24 -12.57
N SER A 344 2.35 -1.95 -12.26
CA SER A 344 3.70 -1.41 -12.46
C SER A 344 3.95 -1.20 -13.94
N LEU A 345 3.51 -2.17 -14.76
CA LEU A 345 3.65 -2.03 -16.21
C LEU A 345 2.83 -0.85 -16.74
N ASP A 346 1.56 -0.75 -16.33
CA ASP A 346 0.71 0.36 -16.73
C ASP A 346 1.36 1.69 -16.39
N MET A 347 1.76 1.84 -15.13
CA MET A 347 2.37 3.07 -14.65
C MET A 347 3.67 3.38 -15.37
N GLY A 348 4.55 2.38 -15.48
CA GLY A 348 5.87 2.57 -16.06
C GLY A 348 5.83 3.04 -17.50
N TYR A 349 4.98 2.41 -18.32
CA TYR A 349 4.86 2.79 -19.72
C TYR A 349 4.11 4.10 -19.93
N TYR A 350 3.14 4.37 -19.05
CA TYR A 350 2.43 5.65 -19.06
C TYR A 350 3.38 6.83 -18.80
N ALA A 351 4.26 6.67 -17.81
CA ALA A 351 5.24 7.72 -17.50
C ALA A 351 6.44 7.75 -18.46
N LYS A 352 6.73 6.60 -19.06
CA LYS A 352 7.96 6.38 -19.84
C LYS A 352 9.20 6.39 -18.96
N ILE A 353 9.24 5.44 -18.02
CA ILE A 353 10.36 5.27 -17.08
C ILE A 353 10.83 3.83 -17.08
N GLN A 354 11.97 3.57 -16.42
CA GLN A 354 12.35 2.21 -16.08
C GLN A 354 11.21 1.72 -15.21
N ILE A 355 10.82 0.46 -15.39
CA ILE A 355 9.67 -0.08 -14.66
C ILE A 355 9.91 -0.06 -13.14
N GLN A 356 11.16 -0.25 -12.72
CA GLN A 356 11.48 -0.23 -11.28
C GLN A 356 11.28 1.16 -10.66
N SER A 357 11.11 2.17 -11.50
CA SER A 357 10.96 3.54 -10.99
C SER A 357 9.54 3.86 -10.50
N VAL A 358 8.61 2.93 -10.69
CA VAL A 358 7.26 3.07 -10.12
C VAL A 358 7.31 3.20 -8.60
N PHE A 359 8.41 2.77 -7.98
CA PHE A 359 8.56 2.94 -6.54
C PHE A 359 8.83 4.40 -6.17
N SER A 360 9.18 5.21 -7.17
CA SER A 360 9.47 6.62 -6.92
C SER A 360 8.45 7.55 -7.57
N PRO A 361 7.51 8.10 -6.77
CA PRO A 361 6.53 9.04 -7.32
C PRO A 361 7.20 10.25 -7.97
N ILE A 362 8.33 10.69 -7.40
CA ILE A 362 9.07 11.81 -7.94
C ILE A 362 9.62 11.51 -9.35
N LYS A 363 10.27 10.35 -9.52
CA LYS A 363 10.75 9.98 -10.86
C LYS A 363 9.60 9.83 -11.86
N THR A 364 8.51 9.22 -11.40
CA THR A 364 7.31 9.05 -12.22
C THR A 364 6.77 10.38 -12.73
N TRP A 365 6.52 11.33 -11.82
CA TRP A 365 5.99 12.65 -12.18
C TRP A 365 6.90 13.49 -13.00
N ASP A 366 8.19 13.52 -12.64
CA ASP A 366 9.19 14.23 -13.43
C ASP A 366 9.10 13.77 -14.90
N ALA A 367 9.03 12.46 -15.08
CA ALA A 367 8.90 11.88 -16.41
C ALA A 367 7.59 12.28 -17.09
N ILE A 368 6.47 12.20 -16.38
CA ILE A 368 5.19 12.58 -16.99
C ILE A 368 5.18 14.04 -17.42
N ILE A 369 5.60 14.92 -16.50
CA ILE A 369 5.60 16.34 -16.75
C ILE A 369 6.59 16.72 -17.86
N PHE A 370 7.76 16.07 -17.86
CA PHE A 370 8.76 16.30 -18.93
C PHE A 370 8.20 15.95 -20.31
N ASN A 371 7.56 14.78 -20.42
CA ASN A 371 6.99 14.40 -21.71
C ASN A 371 5.87 15.32 -22.16
N SER A 372 5.08 15.78 -21.20
CA SER A 372 3.98 16.70 -21.50
C SER A 372 4.52 18.03 -22.03
N LEU A 373 5.60 18.52 -21.43
CA LEU A 373 6.18 19.81 -21.79
C LEU A 373 6.96 19.74 -23.08
N LYS A 374 7.65 18.61 -23.27
CA LYS A 374 8.43 18.37 -24.49
C LYS A 374 7.53 18.48 -25.72
N GLU A 375 6.33 17.88 -25.64
CA GLU A 375 5.34 17.92 -26.72
C GLU A 375 5.00 19.32 -27.22
N GLN A 376 5.11 20.30 -26.34
CA GLN A 376 4.84 21.70 -26.69
C GLN A 376 6.12 22.49 -26.98
N ASN A 377 7.23 21.78 -27.17
CA ASN A 377 8.54 22.41 -27.39
C ASN A 377 9.00 23.27 -26.22
N LYS A 378 8.48 22.96 -25.04
CA LYS A 378 8.86 23.66 -23.81
C LYS A 378 10.02 22.94 -23.14
N VAL A 379 10.82 23.71 -22.42
CA VAL A 379 12.07 23.24 -21.84
C VAL A 379 11.95 23.25 -20.30
N ILE A 380 12.23 22.12 -19.66
CA ILE A 380 12.04 21.94 -18.20
C ILE A 380 13.15 22.63 -17.39
N PRO A 381 12.82 23.15 -16.18
CA PRO A 381 13.83 23.86 -15.39
C PRO A 381 14.87 22.93 -14.79
N GLN A 382 16.05 23.46 -14.50
CA GLN A 382 17.07 22.71 -13.78
C GLN A 382 16.63 22.47 -12.34
N GLY A 383 16.91 21.28 -11.82
CA GLY A 383 16.72 20.99 -10.41
C GLY A 383 17.63 21.87 -9.57
N ARG A 384 17.09 22.39 -8.48
CA ARG A 384 17.87 23.26 -7.57
C ARG A 384 17.90 22.65 -6.17
N SER A 385 18.87 23.08 -5.37
CA SER A 385 18.99 22.61 -4.00
C SER A 385 18.16 23.47 -3.05
N HIS A 386 17.45 22.83 -2.12
CA HIS A 386 16.66 23.54 -1.11
C HIS A 386 16.83 22.97 0.26
N PRO A 387 16.87 23.84 1.28
CA PRO A 387 16.83 23.35 2.66
C PRO A 387 15.46 22.76 2.99
N VAL A 388 15.43 21.73 3.84
CA VAL A 388 14.15 21.17 4.28
C VAL A 388 13.45 22.13 5.25
N GLN A 389 12.29 22.64 4.84
CA GLN A 389 11.43 23.45 5.71
C GLN A 389 10.11 22.74 6.00
N PRO A 390 9.60 22.85 7.25
CA PRO A 390 8.26 22.35 7.53
C PRO A 390 7.22 23.30 6.97
N TYR A 391 5.98 22.83 6.84
CA TYR A 391 4.88 23.69 6.39
C TYR A 391 3.56 23.08 6.87
N PRO A 392 2.49 23.90 6.94
CA PRO A 392 1.24 23.44 7.55
C PRO A 392 0.41 22.55 6.65
N GLY A 393 -0.33 21.65 7.28
CA GLY A 393 -1.08 20.64 6.56
C GLY A 393 -2.57 20.83 6.72
N ALA A 394 -3.26 19.73 7.05
CA ALA A 394 -4.71 19.69 7.07
C ALA A 394 -5.30 20.13 8.40
N PHE A 395 -6.61 20.41 8.41
CA PHE A 395 -7.33 20.70 9.64
C PHE A 395 -8.04 19.46 10.16
N VAL A 396 -7.90 19.23 11.45
CA VAL A 396 -8.57 18.17 12.16
C VAL A 396 -9.31 18.77 13.36
N LYS A 397 -10.63 18.58 13.39
CA LYS A 397 -11.48 19.11 14.46
C LYS A 397 -11.32 18.27 15.72
N GLU A 398 -11.28 18.93 16.88
CA GLU A 398 -11.27 18.24 18.15
C GLU A 398 -12.70 17.83 18.47
N PRO A 399 -12.99 16.51 18.51
CA PRO A 399 -14.36 16.09 18.81
C PRO A 399 -14.58 16.05 20.31
N ILE A 400 -15.83 16.28 20.72
CA ILE A 400 -16.23 16.01 22.11
C ILE A 400 -16.35 14.50 22.25
N PRO A 401 -15.55 13.90 23.15
CA PRO A 401 -15.59 12.45 23.33
C PRO A 401 -16.95 12.07 23.86
N ASN A 402 -17.59 11.13 23.18
CA ASN A 402 -18.96 10.74 23.47
C ASN A 402 -19.41 9.60 22.55
N ARG A 403 -20.56 9.03 22.87
CA ARG A 403 -21.31 8.17 21.95
C ARG A 403 -22.11 9.07 21.02
N TYR A 404 -22.32 8.60 19.80
CA TYR A 404 -23.08 9.36 18.80
C TYR A 404 -24.00 8.36 18.10
N LYS A 405 -25.29 8.46 18.41
CA LYS A 405 -26.26 7.46 18.01
C LYS A 405 -26.47 7.38 16.50
N TYR A 406 -26.79 8.51 15.87
CA TYR A 406 -27.03 8.56 14.42
C TYR A 406 -26.03 9.48 13.74
N VAL A 407 -25.25 8.94 12.81
CA VAL A 407 -24.25 9.76 12.13
C VAL A 407 -24.34 9.61 10.62
N MET A 408 -24.21 10.74 9.94
CA MET A 408 -24.04 10.76 8.50
C MET A 408 -22.76 11.51 8.18
N SER A 409 -21.89 10.89 7.39
CA SER A 409 -20.66 11.55 6.99
C SER A 409 -20.72 12.01 5.52
N PHE A 410 -19.96 13.07 5.23
CA PHE A 410 -19.87 13.63 3.88
C PHE A 410 -18.42 13.83 3.54
N ASP A 411 -18.07 13.60 2.29
CA ASP A 411 -16.68 13.62 1.92
C ASP A 411 -16.43 14.29 0.58
N LEU A 412 -15.37 15.08 0.52
CA LEU A 412 -14.95 15.71 -0.72
C LEU A 412 -14.19 14.71 -1.56
N THR A 413 -14.55 14.62 -2.83
CA THR A 413 -13.91 13.71 -3.76
C THR A 413 -12.49 14.16 -4.07
N SER A 414 -11.54 13.22 -4.01
CA SER A 414 -10.13 13.45 -4.35
C SER A 414 -9.66 14.88 -4.07
N LEU A 415 -9.65 15.27 -2.79
CA LEU A 415 -9.59 16.68 -2.43
C LEU A 415 -8.41 17.47 -3.00
N TYR A 416 -7.19 17.09 -2.64
CA TYR A 416 -6.02 17.92 -2.96
C TYR A 416 -5.81 18.04 -4.47
N PRO A 417 -5.93 16.92 -5.21
CA PRO A 417 -5.91 17.05 -6.66
C PRO A 417 -7.04 17.94 -7.17
N SER A 418 -8.21 17.86 -6.55
CA SER A 418 -9.33 18.74 -6.94
C SER A 418 -9.00 20.21 -6.67
N ILE A 419 -8.28 20.48 -5.59
CA ILE A 419 -7.88 21.83 -5.26
C ILE A 419 -6.87 22.32 -6.29
N ILE A 420 -5.91 21.47 -6.64
CA ILE A 420 -4.95 21.78 -7.70
C ILE A 420 -5.69 22.20 -8.97
N ARG A 421 -6.75 21.46 -9.32
CA ARG A 421 -7.47 21.70 -10.58
C ARG A 421 -8.39 22.91 -10.50
N GLN A 422 -9.06 23.07 -9.36
CA GLN A 422 -9.93 24.21 -9.11
C GLN A 422 -9.18 25.53 -9.14
N VAL A 423 -8.07 25.59 -8.39
CA VAL A 423 -7.30 26.82 -8.23
C VAL A 423 -6.36 27.05 -9.44
N ASN A 424 -6.03 25.97 -10.16
CA ASN A 424 -5.06 26.01 -11.29
C ASN A 424 -3.64 26.22 -10.79
N ILE A 425 -3.23 25.38 -9.84
CA ILE A 425 -1.94 25.44 -9.16
C ILE A 425 -0.85 24.66 -9.89
N SER A 426 0.19 25.38 -10.32
CA SER A 426 1.24 24.84 -11.18
C SER A 426 2.45 25.78 -11.04
N PRO A 427 3.67 25.29 -11.32
CA PRO A 427 4.81 26.19 -11.29
C PRO A 427 4.70 27.40 -12.24
N GLU A 428 4.08 27.21 -13.41
CA GLU A 428 4.02 28.27 -14.43
C GLU A 428 2.73 29.10 -14.44
N THR A 429 1.80 28.83 -13.54
CA THR A 429 0.54 29.59 -13.51
C THR A 429 0.46 30.61 -12.37
N ILE A 430 1.54 30.74 -11.61
CA ILE A 430 1.61 31.73 -10.54
C ILE A 430 1.49 33.14 -11.13
N ALA A 431 0.46 33.88 -10.70
CA ALA A 431 0.25 35.25 -11.17
C ALA A 431 0.84 36.31 -10.24
N GLY A 432 0.74 36.09 -8.92
CA GLY A 432 1.29 37.01 -7.92
C GLY A 432 0.78 36.69 -6.53
N THR A 433 0.73 37.69 -5.65
CA THR A 433 0.21 37.49 -4.28
C THR A 433 -0.83 38.53 -3.87
N PHE A 434 -1.57 38.23 -2.81
CA PHE A 434 -2.41 39.23 -2.14
C PHE A 434 -2.13 39.19 -0.65
N LYS A 435 -2.51 40.25 0.04
CA LYS A 435 -2.33 40.34 1.49
C LYS A 435 -3.35 39.47 2.22
N VAL A 436 -2.86 38.54 3.04
CA VAL A 436 -3.72 37.55 3.70
C VAL A 436 -4.43 38.07 4.96
N ALA A 437 -5.73 37.82 5.04
CA ALA A 437 -6.46 37.99 6.29
C ALA A 437 -6.29 36.68 7.06
N PRO A 438 -6.54 36.70 8.40
CA PRO A 438 -6.50 35.46 9.17
C PRO A 438 -7.48 34.43 8.59
N LEU A 439 -7.15 33.15 8.69
CA LEU A 439 -7.94 32.09 8.06
C LEU A 439 -9.43 32.13 8.46
N HIS A 440 -9.67 32.34 9.75
CA HIS A 440 -11.00 32.49 10.31
C HIS A 440 -11.84 33.46 9.52
N ASP A 441 -11.22 34.50 8.98
CA ASP A 441 -11.93 35.56 8.25
C ASP A 441 -12.47 35.12 6.89
N TYR A 442 -11.74 34.24 6.23
CA TYR A 442 -12.24 33.66 4.99
C TYR A 442 -13.30 32.59 5.29
N ILE A 443 -13.01 31.71 6.23
CA ILE A 443 -13.96 30.69 6.67
C ILE A 443 -15.35 31.31 6.93
N ASN A 444 -15.35 32.50 7.54
CA ASN A 444 -16.59 33.20 7.89
C ASN A 444 -17.05 34.29 6.93
N ALA A 445 -16.39 34.36 5.77
CA ALA A 445 -16.70 35.32 4.71
C ALA A 445 -16.84 36.77 5.17
N VAL A 446 -15.95 37.19 6.06
CA VAL A 446 -15.87 38.61 6.44
C VAL A 446 -14.66 39.27 5.76
N ALA A 447 -13.67 38.46 5.41
CA ALA A 447 -12.46 38.97 4.75
C ALA A 447 -12.76 39.50 3.37
N GLU A 448 -11.99 40.51 2.97
CA GLU A 448 -12.09 41.09 1.65
C GLU A 448 -11.80 40.01 0.61
N ARG A 449 -12.55 40.04 -0.49
CA ARG A 449 -12.35 39.12 -1.59
C ARG A 449 -10.94 39.31 -2.18
N PRO A 450 -10.12 38.25 -2.14
CA PRO A 450 -8.71 38.30 -2.56
C PRO A 450 -8.47 38.96 -3.94
N SER A 451 -9.17 38.51 -4.98
CA SER A 451 -8.98 39.06 -6.32
C SER A 451 -10.24 39.02 -7.18
N ASP A 452 -10.39 40.04 -8.02
CA ASP A 452 -11.45 40.09 -9.03
C ASP A 452 -10.95 39.47 -10.33
N VAL A 453 -9.66 39.16 -10.38
CA VAL A 453 -8.99 38.86 -11.64
C VAL A 453 -8.36 37.46 -11.67
N TYR A 454 -7.72 37.08 -10.58
CA TYR A 454 -7.01 35.80 -10.50
C TYR A 454 -7.66 34.79 -9.55
N SER A 455 -7.34 33.51 -9.74
CA SER A 455 -7.79 32.42 -8.87
C SER A 455 -6.87 32.31 -7.66
N CYS A 456 -7.47 32.21 -6.48
CA CYS A 456 -6.76 32.43 -5.23
C CYS A 456 -6.86 31.30 -4.23
N SER A 457 -5.82 31.14 -3.42
CA SER A 457 -5.86 30.32 -2.23
C SER A 457 -5.68 31.23 -1.02
N PRO A 458 -6.29 30.89 0.12
CA PRO A 458 -6.15 31.72 1.34
C PRO A 458 -4.74 31.74 1.94
N ASN A 459 -3.78 31.04 1.35
CA ASN A 459 -2.38 31.22 1.76
C ASN A 459 -1.74 32.48 1.18
N GLY A 460 -2.47 33.17 0.29
CA GLY A 460 -1.98 34.42 -0.29
C GLY A 460 -1.55 34.34 -1.74
N MET A 461 -1.69 33.17 -2.34
CA MET A 461 -1.25 32.92 -3.71
C MET A 461 -2.34 33.17 -4.77
N MET A 462 -1.94 33.78 -5.89
CA MET A 462 -2.86 34.03 -6.99
C MET A 462 -2.37 33.32 -8.25
N TYR A 463 -3.31 32.77 -9.02
CA TYR A 463 -2.98 32.01 -10.22
C TYR A 463 -3.77 32.47 -11.42
N TYR A 464 -3.21 32.27 -12.61
CA TYR A 464 -3.91 32.58 -13.84
C TYR A 464 -5.15 31.69 -14.04
N LYS A 465 -6.26 32.29 -14.44
CA LYS A 465 -7.50 31.56 -14.70
C LYS A 465 -7.62 31.06 -16.15
N ASP A 466 -7.01 31.77 -17.09
CA ASP A 466 -7.33 31.58 -18.51
C ASP A 466 -6.31 30.74 -19.29
N ARG A 467 -5.51 29.97 -18.57
CA ARG A 467 -4.50 29.08 -19.16
C ARG A 467 -4.31 27.91 -18.22
N ASP A 468 -4.25 26.70 -18.77
CA ASP A 468 -4.02 25.53 -17.92
C ASP A 468 -2.54 25.33 -17.64
N GLY A 469 -2.26 24.86 -16.44
CA GLY A 469 -0.91 24.50 -16.05
C GLY A 469 -0.65 23.04 -16.29
N VAL A 470 0.61 22.71 -16.58
CA VAL A 470 1.01 21.32 -16.78
C VAL A 470 0.59 20.40 -15.63
N VAL A 471 0.64 20.91 -14.40
CA VAL A 471 0.32 20.08 -13.25
C VAL A 471 -1.18 19.75 -13.18
N PRO A 472 -2.06 20.76 -13.27
CA PRO A 472 -3.49 20.44 -13.35
C PRO A 472 -3.82 19.56 -14.56
N THR A 473 -3.17 19.84 -15.68
CA THR A 473 -3.44 19.11 -16.91
C THR A 473 -3.11 17.64 -16.73
N GLU A 474 -1.92 17.37 -16.20
CA GLU A 474 -1.46 15.98 -16.08
C GLU A 474 -2.10 15.24 -14.93
N ILE A 475 -2.39 15.95 -13.84
CA ILE A 475 -3.05 15.33 -12.70
C ILE A 475 -4.49 14.93 -13.05
N THR A 476 -5.13 15.71 -13.93
CA THR A 476 -6.50 15.46 -14.36
C THR A 476 -6.60 14.12 -15.13
N LYS A 477 -5.64 13.86 -16.02
CA LYS A 477 -5.61 12.60 -16.79
C LYS A 477 -5.61 11.36 -15.86
N VAL A 478 -4.77 11.38 -14.84
CA VAL A 478 -4.64 10.23 -13.92
C VAL A 478 -5.85 10.15 -12.98
N PHE A 479 -6.28 11.31 -12.48
CA PHE A 479 -7.55 11.39 -11.78
C PHE A 479 -8.72 10.72 -12.54
N ASN A 480 -8.78 10.98 -13.85
CA ASN A 480 -9.87 10.43 -14.67
C ASN A 480 -9.80 8.90 -14.88
N GLN A 481 -8.58 8.36 -14.95
CA GLN A 481 -8.40 6.90 -14.95
C GLN A 481 -8.86 6.32 -13.62
N ARG A 482 -8.48 7.00 -12.54
CA ARG A 482 -8.82 6.54 -11.20
C ARG A 482 -10.32 6.43 -11.00
N LYS A 483 -11.05 7.44 -11.46
CA LYS A 483 -12.51 7.46 -11.40
C LYS A 483 -13.15 6.28 -12.15
N GLU A 484 -12.62 5.95 -13.34
CA GLU A 484 -13.08 4.79 -14.10
C GLU A 484 -12.97 3.49 -13.29
N HIS A 485 -11.79 3.24 -12.72
CA HIS A 485 -11.56 2.02 -11.95
C HIS A 485 -12.35 1.95 -10.68
N LYS A 486 -12.48 3.06 -9.97
CA LYS A 486 -13.28 3.10 -8.75
C LYS A 486 -14.75 2.79 -9.00
N GLY A 487 -15.28 3.33 -10.10
CA GLY A 487 -16.62 2.98 -10.55
C GLY A 487 -16.78 1.48 -10.70
N TYR A 488 -15.80 0.82 -11.33
CA TYR A 488 -15.78 -0.64 -11.49
C TYR A 488 -15.71 -1.33 -10.14
N MET A 489 -14.95 -0.76 -9.22
CA MET A 489 -14.77 -1.32 -7.89
C MET A 489 -16.08 -1.26 -7.09
N LEU A 490 -16.69 -0.08 -7.03
CA LEU A 490 -17.94 0.09 -6.28
C LEU A 490 -19.06 -0.77 -6.86
N ALA A 491 -19.14 -0.84 -8.19
CA ALA A 491 -20.10 -1.70 -8.86
C ALA A 491 -19.93 -3.16 -8.44
N ALA A 492 -18.69 -3.65 -8.39
CA ALA A 492 -18.42 -5.02 -7.99
C ALA A 492 -18.76 -5.22 -6.51
N GLN A 493 -18.51 -4.18 -5.72
CA GLN A 493 -18.88 -4.16 -4.31
C GLN A 493 -20.40 -4.27 -4.14
N ARG A 494 -21.15 -3.48 -4.91
CA ARG A 494 -22.61 -3.48 -4.81
C ARG A 494 -23.16 -4.83 -5.25
N ASN A 495 -22.58 -5.38 -6.32
CA ASN A 495 -22.93 -6.71 -6.83
C ASN A 495 -22.68 -7.79 -5.77
N GLY A 496 -21.58 -7.64 -5.03
CA GLY A 496 -21.29 -8.51 -3.90
C GLY A 496 -22.43 -8.63 -2.90
N GLU A 497 -23.06 -7.49 -2.58
CA GLU A 497 -24.12 -7.46 -1.57
C GLU A 497 -25.41 -8.09 -2.07
N ILE A 498 -25.64 -7.98 -3.36
CA ILE A 498 -26.80 -8.59 -3.98
C ILE A 498 -26.69 -10.11 -3.91
N ILE A 499 -25.46 -10.62 -3.99
CA ILE A 499 -25.19 -12.05 -3.87
C ILE A 499 -25.32 -12.49 -2.40
N LYS A 500 -24.67 -11.77 -1.51
CA LYS A 500 -24.82 -12.02 -0.06
C LYS A 500 -26.29 -12.04 0.38
N GLU A 501 -27.09 -11.10 -0.12
CA GLU A 501 -28.54 -11.11 0.14
C GLU A 501 -29.25 -12.33 -0.46
N ALA A 502 -28.78 -12.79 -1.61
CA ALA A 502 -29.37 -13.99 -2.24
C ALA A 502 -28.92 -15.29 -1.60
N LEU A 503 -27.80 -15.26 -0.88
CA LEU A 503 -27.30 -16.45 -0.19
C LEU A 503 -28.11 -16.75 1.06
N HIS A 504 -28.96 -15.80 1.45
CA HIS A 504 -29.87 -15.98 2.57
C HIS A 504 -30.87 -17.06 2.28
N ASN A 505 -31.26 -17.20 1.02
CA ASN A 505 -32.23 -18.21 0.59
C ASN A 505 -31.79 -18.99 -0.67
N PRO A 506 -30.75 -19.83 -0.53
CA PRO A 506 -30.22 -20.55 -1.69
C PRO A 506 -31.20 -21.57 -2.24
N ASN A 507 -31.06 -21.92 -3.51
CA ASN A 507 -31.95 -22.89 -4.14
C ASN A 507 -31.36 -24.30 -4.24
N LEU A 508 -32.19 -25.30 -3.91
CA LEU A 508 -31.78 -26.70 -3.91
C LEU A 508 -31.81 -27.25 -5.34
N SER A 509 -30.75 -26.99 -6.08
CA SER A 509 -30.60 -27.48 -7.45
C SER A 509 -29.13 -27.41 -7.87
N VAL A 510 -28.80 -28.09 -8.96
CA VAL A 510 -27.45 -28.07 -9.50
C VAL A 510 -27.45 -27.19 -10.73
N ASP A 511 -26.68 -26.10 -10.66
CA ASP A 511 -26.47 -25.22 -11.81
C ASP A 511 -25.04 -24.72 -11.85
N GLU A 512 -24.81 -23.65 -12.60
CA GLU A 512 -23.49 -23.06 -12.73
C GLU A 512 -23.56 -21.56 -12.45
N PRO A 513 -22.39 -20.94 -12.14
CA PRO A 513 -22.34 -19.48 -11.98
C PRO A 513 -22.62 -18.75 -13.30
N LEU A 514 -23.27 -17.59 -13.20
CA LEU A 514 -23.64 -16.78 -14.37
C LEU A 514 -22.45 -16.09 -15.03
N ASP A 515 -22.43 -16.12 -16.36
CA ASP A 515 -21.43 -15.40 -17.14
C ASP A 515 -21.80 -13.90 -17.18
N VAL A 516 -21.13 -13.12 -16.31
CA VAL A 516 -21.43 -11.69 -16.17
C VAL A 516 -20.15 -10.89 -15.99
N ASP A 517 -20.22 -9.59 -16.28
CA ASP A 517 -19.13 -8.67 -15.98
C ASP A 517 -19.48 -7.92 -14.69
N TYR A 518 -18.73 -8.22 -13.63
CA TYR A 518 -19.00 -7.69 -12.30
C TYR A 518 -18.64 -6.20 -12.13
N ARG A 519 -17.97 -5.64 -13.13
CA ARG A 519 -17.59 -4.22 -13.13
C ARG A 519 -18.78 -3.27 -13.35
N PHE A 520 -19.93 -3.81 -13.73
CA PHE A 520 -21.13 -3.01 -13.94
C PHE A 520 -22.27 -3.59 -13.13
N ASP A 521 -23.17 -2.73 -12.66
CA ASP A 521 -24.32 -3.14 -11.84
C ASP A 521 -25.19 -4.18 -12.53
N PHE A 522 -25.52 -5.25 -11.81
CA PHE A 522 -26.38 -6.31 -12.35
C PHE A 522 -27.70 -5.73 -12.87
N SER A 523 -28.10 -6.12 -14.07
CA SER A 523 -29.41 -5.76 -14.60
C SER A 523 -30.49 -6.50 -13.81
N ASP A 524 -31.74 -6.05 -13.97
CA ASP A 524 -32.88 -6.69 -13.29
C ASP A 524 -33.03 -8.16 -13.67
N GLU A 525 -32.77 -8.47 -14.94
CA GLU A 525 -32.83 -9.85 -15.44
C GLU A 525 -31.82 -10.76 -14.73
N ILE A 526 -30.58 -10.28 -14.61
CA ILE A 526 -29.52 -10.99 -13.89
C ILE A 526 -29.92 -11.20 -12.42
N LYS A 527 -30.48 -10.15 -11.81
CA LYS A 527 -30.92 -10.21 -10.42
C LYS A 527 -32.00 -11.27 -10.19
N GLU A 528 -32.91 -11.41 -11.15
CA GLU A 528 -33.96 -12.42 -11.09
C GLU A 528 -33.40 -13.84 -11.17
N LYS A 529 -32.34 -14.01 -11.95
CA LYS A 529 -31.67 -15.30 -12.11
C LYS A 529 -30.93 -15.69 -10.84
N ILE A 530 -30.30 -14.70 -10.21
CA ILE A 530 -29.56 -14.91 -8.96
C ILE A 530 -30.45 -15.44 -7.84
N LYS A 531 -31.68 -14.94 -7.76
CA LYS A 531 -32.64 -15.37 -6.74
C LYS A 531 -32.96 -16.86 -6.82
N LYS A 532 -32.70 -17.46 -7.98
CA LYS A 532 -33.01 -18.88 -8.20
C LYS A 532 -31.78 -19.79 -8.23
N LEU A 533 -30.59 -19.24 -8.00
CA LEU A 533 -29.36 -20.05 -8.04
C LEU A 533 -29.09 -20.81 -6.75
N SER A 534 -28.32 -21.89 -6.88
CA SER A 534 -27.87 -22.69 -5.75
C SER A 534 -26.78 -21.97 -4.97
N ALA A 535 -26.54 -22.43 -3.73
CA ALA A 535 -25.48 -21.89 -2.89
C ALA A 535 -24.09 -22.04 -3.53
N LYS A 536 -23.82 -23.22 -4.08
CA LYS A 536 -22.55 -23.51 -4.74
C LYS A 536 -22.22 -22.48 -5.83
N SER A 537 -23.21 -22.19 -6.68
CA SER A 537 -23.04 -21.24 -7.79
C SER A 537 -22.93 -19.79 -7.29
N LEU A 538 -23.74 -19.44 -6.29
CA LEU A 538 -23.74 -18.10 -5.70
C LEU A 538 -22.40 -17.76 -5.08
N ASN A 539 -21.81 -18.74 -4.38
CA ASN A 539 -20.54 -18.55 -3.72
C ASN A 539 -19.37 -18.43 -4.69
N GLU A 540 -19.45 -19.14 -5.80
CA GLU A 540 -18.49 -18.97 -6.87
C GLU A 540 -18.62 -17.56 -7.46
N MET A 541 -19.86 -17.08 -7.58
CA MET A 541 -20.13 -15.74 -8.09
C MET A 541 -19.64 -14.66 -7.13
N LEU A 542 -19.83 -14.88 -5.83
CA LEU A 542 -19.34 -13.98 -4.80
C LEU A 542 -17.82 -13.91 -4.82
N PHE A 543 -17.17 -15.06 -5.01
CA PHE A 543 -15.72 -15.09 -5.13
C PHE A 543 -15.26 -14.19 -6.30
N ARG A 544 -15.96 -14.28 -7.43
CA ARG A 544 -15.57 -13.54 -8.63
C ARG A 544 -15.85 -12.04 -8.50
N ALA A 545 -16.98 -11.71 -7.88
CA ALA A 545 -17.32 -10.32 -7.61
C ALA A 545 -16.24 -9.68 -6.76
N GLN A 546 -15.78 -10.41 -5.75
CA GLN A 546 -14.76 -9.94 -4.83
C GLN A 546 -13.38 -9.85 -5.48
N ARG A 547 -13.09 -10.77 -6.39
CA ARG A 547 -11.85 -10.68 -7.18
C ARG A 547 -11.87 -9.48 -8.11
N THR A 548 -13.02 -9.21 -8.72
CA THR A 548 -13.22 -8.02 -9.54
C THR A 548 -13.05 -6.74 -8.71
N GLU A 549 -13.55 -6.77 -7.47
CA GLU A 549 -13.47 -5.61 -6.60
C GLU A 549 -12.03 -5.31 -6.16
N VAL A 550 -11.29 -6.35 -5.79
CA VAL A 550 -9.87 -6.22 -5.43
C VAL A 550 -9.07 -5.67 -6.62
N ALA A 551 -9.34 -6.20 -7.82
CA ALA A 551 -8.71 -5.69 -9.03
C ALA A 551 -9.00 -4.21 -9.26
N GLY A 552 -10.26 -3.80 -9.08
CA GLY A 552 -10.63 -2.40 -9.25
C GLY A 552 -10.03 -1.54 -8.13
N MET A 553 -9.89 -2.15 -6.96
CA MET A 553 -9.27 -1.49 -5.80
C MET A 553 -7.78 -1.21 -6.05
N THR A 554 -7.04 -2.23 -6.48
CA THR A 554 -5.61 -2.05 -6.77
C THR A 554 -5.42 -0.87 -7.73
N ALA A 555 -6.22 -0.87 -8.80
CA ALA A 555 -6.10 0.09 -9.88
C ALA A 555 -6.48 1.51 -9.49
N GLN A 556 -7.52 1.67 -8.66
CA GLN A 556 -8.00 3.01 -8.30
C GLN A 556 -7.19 3.63 -7.16
N ILE A 557 -6.89 2.84 -6.14
CA ILE A 557 -6.27 3.38 -4.95
C ILE A 557 -4.81 3.76 -5.23
N ASN A 558 -4.18 3.10 -6.18
CA ASN A 558 -2.78 3.39 -6.43
C ASN A 558 -2.58 4.54 -7.40
N ARG A 559 -3.64 4.83 -8.17
CA ARG A 559 -3.68 6.02 -9.01
C ARG A 559 -3.96 7.23 -8.13
N LYS A 560 -4.85 7.04 -7.15
CA LYS A 560 -5.06 8.00 -6.08
C LYS A 560 -3.76 8.34 -5.34
N LEU A 561 -3.02 7.32 -4.91
CA LEU A 561 -1.72 7.50 -4.26
C LEU A 561 -0.79 8.32 -5.15
N LEU A 562 -0.76 8.00 -6.44
CA LEU A 562 0.13 8.71 -7.36
C LEU A 562 -0.21 10.20 -7.48
N ILE A 563 -1.48 10.52 -7.67
CA ILE A 563 -1.89 11.95 -7.73
C ILE A 563 -1.68 12.69 -6.42
N ASN A 564 -2.02 12.07 -5.30
CA ASN A 564 -1.70 12.65 -4.00
C ASN A 564 -0.19 12.81 -3.82
N SER A 565 0.56 11.87 -4.40
CA SER A 565 2.02 11.93 -4.36
C SER A 565 2.59 13.10 -5.17
N LEU A 566 1.84 13.56 -6.18
CA LEU A 566 2.17 14.82 -6.84
C LEU A 566 1.98 16.03 -5.92
N TYR A 567 0.93 16.02 -5.08
CA TYR A 567 0.81 17.08 -4.08
C TYR A 567 2.06 17.10 -3.19
N GLY A 568 2.40 15.93 -2.64
CA GLY A 568 3.51 15.82 -1.70
C GLY A 568 4.85 16.17 -2.33
N ALA A 569 5.00 15.84 -3.62
CA ALA A 569 6.25 16.09 -4.32
C ALA A 569 6.57 17.58 -4.37
N LEU A 570 5.52 18.41 -4.45
CA LEU A 570 5.66 19.87 -4.44
C LEU A 570 6.27 20.34 -3.12
N GLY A 571 6.15 19.50 -2.09
CA GLY A 571 6.77 19.73 -0.79
C GLY A 571 8.01 18.87 -0.53
N ASN A 572 8.59 18.30 -1.60
CA ASN A 572 9.84 17.54 -1.47
C ASN A 572 10.97 18.29 -2.17
N VAL A 573 12.06 18.52 -1.44
CA VAL A 573 13.19 19.33 -1.92
C VAL A 573 13.90 18.75 -3.15
N TRP A 574 13.68 17.47 -3.42
CA TRP A 574 14.31 16.84 -4.57
C TRP A 574 13.51 16.94 -5.84
N PHE A 575 12.28 17.44 -5.74
CA PHE A 575 11.38 17.56 -6.88
C PHE A 575 11.77 18.75 -7.73
N ARG A 576 11.91 18.52 -9.03
CA ARG A 576 12.18 19.59 -10.00
C ARG A 576 11.25 20.80 -9.77
N TYR A 577 9.99 20.54 -9.41
CA TYR A 577 8.99 21.60 -9.25
C TYR A 577 8.62 21.87 -7.80
N TYR A 578 9.56 21.60 -6.89
CA TYR A 578 9.40 21.93 -5.47
C TYR A 578 8.99 23.38 -5.29
N ASP A 579 7.91 23.61 -4.53
CA ASP A 579 7.49 24.98 -4.22
C ASP A 579 6.52 25.03 -3.05
N LEU A 580 7.02 25.53 -1.93
CA LEU A 580 6.22 25.62 -0.70
C LEU A 580 5.02 26.59 -0.80
N ARG A 581 5.07 27.52 -1.75
CA ARG A 581 3.93 28.37 -2.02
C ARG A 581 2.78 27.54 -2.63
N ASN A 582 3.13 26.61 -3.52
CA ASN A 582 2.14 25.76 -4.16
C ASN A 582 1.64 24.68 -3.22
N ALA A 583 2.56 24.12 -2.43
CA ALA A 583 2.18 23.09 -1.47
C ALA A 583 1.25 23.69 -0.41
N THR A 584 1.61 24.85 0.12
CA THR A 584 0.81 25.54 1.14
C THR A 584 -0.49 26.11 0.56
N ALA A 585 -0.49 26.49 -0.71
CA ALA A 585 -1.71 26.92 -1.38
C ALA A 585 -2.77 25.82 -1.34
N ILE A 586 -2.32 24.59 -1.57
CA ILE A 586 -3.18 23.41 -1.47
C ILE A 586 -3.70 23.17 -0.04
N THR A 587 -2.80 23.03 0.93
CA THR A 587 -3.25 22.67 2.28
C THR A 587 -4.13 23.73 2.95
N THR A 588 -3.79 25.00 2.73
CA THR A 588 -4.55 26.09 3.34
C THR A 588 -5.94 26.23 2.72
N PHE A 589 -6.02 26.07 1.40
CA PHE A 589 -7.33 26.00 0.72
C PHE A 589 -8.18 24.88 1.33
N GLY A 590 -7.56 23.73 1.56
CA GLY A 590 -8.23 22.57 2.19
C GLY A 590 -8.79 22.88 3.56
N GLN A 591 -7.98 23.56 4.38
CA GLN A 591 -8.40 23.95 5.71
C GLN A 591 -9.62 24.87 5.66
N MET A 592 -9.57 25.87 4.77
CA MET A 592 -10.70 26.77 4.57
C MET A 592 -11.92 25.97 4.15
N ALA A 593 -11.77 25.17 3.10
CA ALA A 593 -12.90 24.45 2.51
C ALA A 593 -13.67 23.61 3.53
N LEU A 594 -12.93 22.88 4.35
CA LEU A 594 -13.53 22.00 5.35
C LEU A 594 -14.30 22.78 6.40
N GLN A 595 -13.71 23.88 6.86
CA GLN A 595 -14.32 24.69 7.93
C GLN A 595 -15.42 25.62 7.41
N TRP A 596 -15.24 26.10 6.18
CA TRP A 596 -16.28 26.82 5.46
C TRP A 596 -17.53 25.97 5.41
N ILE A 597 -17.36 24.72 4.99
CA ILE A 597 -18.51 23.85 4.76
C ILE A 597 -19.14 23.35 6.06
N GLU A 598 -18.35 23.32 7.14
CA GLU A 598 -18.88 23.02 8.48
C GLU A 598 -19.93 24.06 8.86
N ARG A 599 -19.56 25.33 8.75
CA ARG A 599 -20.46 26.44 9.04
C ARG A 599 -21.73 26.37 8.21
N LYS A 600 -21.57 26.12 6.90
CA LYS A 600 -22.70 26.06 5.97
C LYS A 600 -23.67 24.93 6.31
N VAL A 601 -23.12 23.77 6.71
CA VAL A 601 -23.95 22.64 7.13
C VAL A 601 -24.66 22.94 8.45
N ASN A 602 -23.94 23.50 9.41
CA ASN A 602 -24.59 23.90 10.67
C ASN A 602 -25.67 24.94 10.42
N GLU A 603 -25.39 25.92 9.58
CA GLU A 603 -26.39 26.92 9.24
C GLU A 603 -27.62 26.28 8.61
N TYR A 604 -27.40 25.42 7.61
CA TYR A 604 -28.50 24.79 6.89
C TYR A 604 -29.35 23.92 7.80
N LEU A 605 -28.71 23.08 8.61
CA LEU A 605 -29.43 22.13 9.43
C LEU A 605 -30.25 22.78 10.56
N ASN A 606 -29.72 23.86 11.14
CA ASN A 606 -30.48 24.70 12.06
C ASN A 606 -31.72 25.32 11.36
N GLU A 607 -31.54 25.76 10.12
CA GLU A 607 -32.65 26.30 9.36
C GLU A 607 -33.78 25.28 9.16
N VAL A 608 -33.45 24.12 8.59
CA VAL A 608 -34.47 23.11 8.27
C VAL A 608 -35.04 22.43 9.50
N CYS A 609 -34.23 22.33 10.56
CA CYS A 609 -34.72 21.80 11.82
C CYS A 609 -35.35 22.88 12.69
N GLY A 610 -35.45 24.10 12.16
CA GLY A 610 -36.07 25.23 12.88
C GLY A 610 -35.41 25.64 14.20
N THR A 611 -34.24 25.09 14.50
CA THR A 611 -33.47 25.47 15.69
C THR A 611 -32.48 26.61 15.39
N GLU A 612 -31.64 26.96 16.37
CA GLU A 612 -30.65 28.01 16.20
C GLU A 612 -29.38 27.78 17.03
N GLY A 613 -28.23 27.79 16.35
CA GLY A 613 -26.93 27.81 17.02
C GLY A 613 -26.41 26.51 17.60
N GLU A 614 -26.95 25.37 17.18
CA GLU A 614 -26.42 24.11 17.66
C GLU A 614 -25.48 23.42 16.67
N ALA A 615 -24.54 22.65 17.21
CA ALA A 615 -23.49 22.00 16.43
C ALA A 615 -23.94 20.66 15.88
N PHE A 616 -24.28 20.62 14.59
CA PHE A 616 -24.64 19.37 13.94
C PHE A 616 -23.38 18.61 13.55
N VAL A 617 -22.36 19.35 13.09
CA VAL A 617 -21.08 18.76 12.70
C VAL A 617 -20.25 18.45 13.95
N LEU A 618 -19.97 17.17 14.17
CA LEU A 618 -19.32 16.75 15.43
C LEU A 618 -17.83 16.49 15.22
N TYR A 619 -17.41 16.31 13.97
CA TYR A 619 -16.01 15.97 13.68
C TYR A 619 -15.68 16.26 12.23
N GLY A 620 -14.40 16.43 11.96
CA GLY A 620 -13.90 16.61 10.61
C GLY A 620 -12.41 16.40 10.58
N ASP A 621 -11.93 15.87 9.46
CA ASP A 621 -10.51 15.65 9.25
C ASP A 621 -10.19 15.82 7.77
N THR A 622 -9.49 16.91 7.47
CA THR A 622 -8.98 17.21 6.12
C THR A 622 -10.07 17.52 5.10
N ASP A 623 -10.82 16.49 4.70
CA ASP A 623 -11.77 16.58 3.59
C ASP A 623 -13.14 15.98 3.90
N SER A 624 -13.35 15.58 5.14
CA SER A 624 -14.57 14.86 5.49
C SER A 624 -15.18 15.42 6.75
N ILE A 625 -16.51 15.47 6.78
CA ILE A 625 -17.24 15.89 7.98
C ILE A 625 -18.19 14.80 8.43
N TYR A 626 -18.48 14.81 9.73
CA TYR A 626 -19.32 13.83 10.40
C TYR A 626 -20.45 14.58 11.10
N VAL A 627 -21.67 14.33 10.64
CA VAL A 627 -22.84 15.07 11.10
C VAL A 627 -23.70 14.19 12.00
N SER A 628 -24.03 14.74 13.16
CA SER A 628 -24.98 14.09 14.08
C SER A 628 -26.37 14.24 13.49
N ALA A 629 -27.03 13.11 13.26
CA ALA A 629 -28.34 13.11 12.63
C ALA A 629 -29.46 12.81 13.63
N ASP A 630 -29.17 12.93 14.94
CA ASP A 630 -30.16 12.67 15.97
C ASP A 630 -31.42 13.51 15.79
N LYS A 631 -31.22 14.82 15.66
CA LYS A 631 -32.32 15.76 15.53
C LYS A 631 -33.08 15.61 14.20
N ILE A 632 -32.41 15.09 13.17
CA ILE A 632 -33.09 14.78 11.92
C ILE A 632 -34.06 13.64 12.18
N ILE A 633 -33.55 12.58 12.81
CA ILE A 633 -34.39 11.44 13.22
C ILE A 633 -35.50 11.87 14.18
N ASP A 634 -35.15 12.68 15.18
CA ASP A 634 -36.12 13.13 16.19
C ASP A 634 -37.21 14.03 15.61
N LYS A 635 -36.86 14.83 14.61
CA LYS A 635 -37.82 15.70 13.93
C LYS A 635 -39.06 14.95 13.47
N VAL A 636 -38.88 13.72 12.99
CA VAL A 636 -40.01 12.89 12.58
C VAL A 636 -40.46 11.92 13.68
N GLY A 637 -39.54 11.57 14.58
CA GLY A 637 -39.82 10.59 15.63
C GLY A 637 -39.51 9.18 15.15
N GLU A 638 -38.74 8.44 15.95
CA GLU A 638 -38.38 7.05 15.66
C GLU A 638 -39.58 6.14 15.43
N SER A 639 -40.65 6.39 16.17
CA SER A 639 -41.86 5.56 16.13
C SER A 639 -42.44 5.39 14.71
N LYS A 640 -42.18 6.35 13.84
CA LYS A 640 -42.68 6.30 12.47
C LYS A 640 -41.96 5.29 11.56
N PHE A 641 -40.78 4.83 11.97
CA PHE A 641 -40.01 3.92 11.11
C PHE A 641 -40.34 2.43 11.31
N ARG A 642 -40.49 1.75 10.18
CA ARG A 642 -40.91 0.34 10.15
C ARG A 642 -39.78 -0.58 10.61
N ASP A 643 -38.57 -0.29 10.16
CA ASP A 643 -37.37 -1.07 10.48
C ASP A 643 -36.14 -0.22 10.23
N THR A 644 -34.95 -0.77 10.50
CA THR A 644 -33.70 -0.07 10.27
C THR A 644 -33.60 0.51 8.86
N ASN A 645 -33.73 -0.38 7.87
CA ASN A 645 -33.61 0.00 6.46
C ASN A 645 -34.46 1.22 6.09
N HIS A 646 -35.61 1.34 6.74
CA HIS A 646 -36.52 2.47 6.53
C HIS A 646 -35.91 3.79 6.88
N TRP A 647 -35.37 3.92 8.09
CA TRP A 647 -34.71 5.17 8.45
C TRP A 647 -33.44 5.42 7.66
N VAL A 648 -32.73 4.35 7.32
CA VAL A 648 -31.55 4.45 6.46
C VAL A 648 -31.93 5.05 5.09
N ASP A 649 -33.04 4.55 4.51
CA ASP A 649 -33.61 5.10 3.29
C ASP A 649 -33.96 6.58 3.48
N PHE A 650 -34.54 6.89 4.64
CA PHE A 650 -34.91 8.26 4.96
C PHE A 650 -33.71 9.21 4.95
N LEU A 651 -32.68 8.87 5.70
CA LEU A 651 -31.44 9.67 5.71
C LEU A 651 -30.72 9.70 4.36
N ASP A 652 -30.71 8.57 3.65
CA ASP A 652 -30.15 8.53 2.29
C ASP A 652 -30.82 9.60 1.43
N LYS A 653 -32.15 9.59 1.42
CA LYS A 653 -32.94 10.56 0.66
C LYS A 653 -32.66 11.99 1.13
N PHE A 654 -32.74 12.20 2.44
CA PHE A 654 -32.50 13.49 3.07
C PHE A 654 -31.16 14.11 2.65
N ALA A 655 -30.10 13.32 2.71
CA ALA A 655 -28.75 13.77 2.35
C ALA A 655 -28.64 14.14 0.88
N ARG A 656 -29.18 13.28 0.01
CA ARG A 656 -29.03 13.45 -1.43
C ARG A 656 -29.94 14.55 -1.97
N GLU A 657 -31.16 14.63 -1.47
CA GLU A 657 -32.15 15.57 -2.01
C GLU A 657 -32.12 16.94 -1.33
N ARG A 658 -31.67 17.00 -0.08
CA ARG A 658 -31.67 18.24 0.70
C ARG A 658 -30.30 18.78 1.04
N MET A 659 -29.43 17.93 1.57
CA MET A 659 -28.15 18.38 2.08
C MET A 659 -27.10 18.66 1.02
N GLU A 660 -26.89 17.69 0.13
CA GLU A 660 -25.94 17.85 -0.96
C GLU A 660 -26.16 19.11 -1.81
N PRO A 661 -27.43 19.41 -2.21
CA PRO A 661 -27.65 20.66 -2.94
C PRO A 661 -27.26 21.91 -2.11
N ALA A 662 -27.50 21.87 -0.79
CA ALA A 662 -27.09 22.95 0.08
C ALA A 662 -25.58 23.05 0.15
N ILE A 663 -24.93 21.89 0.23
CA ILE A 663 -23.48 21.78 0.20
C ILE A 663 -22.93 22.32 -1.13
N ASP A 664 -23.55 21.91 -2.24
CA ASP A 664 -23.17 22.41 -3.56
C ASP A 664 -23.28 23.92 -3.63
N ARG A 665 -24.42 24.49 -3.24
CA ARG A 665 -24.58 25.94 -3.15
C ARG A 665 -23.45 26.57 -2.32
N GLY A 666 -23.17 25.97 -1.16
CA GLY A 666 -22.12 26.44 -0.26
C GLY A 666 -20.75 26.55 -0.91
N PHE A 667 -20.36 25.49 -1.61
CA PHE A 667 -19.06 25.47 -2.28
C PHE A 667 -19.02 26.33 -3.54
N ARG A 668 -20.15 26.40 -4.26
CA ARG A 668 -20.27 27.25 -5.45
CA ARG A 668 -20.20 27.24 -5.46
C ARG A 668 -19.90 28.68 -5.05
N GLU A 669 -20.43 29.10 -3.91
CA GLU A 669 -20.19 30.43 -3.35
C GLU A 669 -18.71 30.63 -2.98
N MET A 670 -18.10 29.58 -2.41
CA MET A 670 -16.72 29.68 -1.97
C MET A 670 -15.81 29.84 -3.17
N CYS A 671 -16.11 29.09 -4.23
CA CYS A 671 -15.41 29.19 -5.52
C CYS A 671 -15.45 30.60 -6.09
N GLU A 672 -16.63 31.22 -6.06
CA GLU A 672 -16.80 32.60 -6.53
C GLU A 672 -15.97 33.56 -5.70
N TYR A 673 -15.96 33.32 -4.39
CA TYR A 673 -15.22 34.11 -3.41
C TYR A 673 -13.71 34.09 -3.67
N MET A 674 -13.17 32.92 -4.00
CA MET A 674 -11.75 32.79 -4.31
C MET A 674 -11.49 33.02 -5.79
N ASN A 675 -12.56 33.34 -6.53
CA ASN A 675 -12.48 33.60 -7.97
C ASN A 675 -11.77 32.48 -8.74
N ASN A 676 -12.04 31.24 -8.32
CA ASN A 676 -11.40 30.04 -8.88
C ASN A 676 -11.78 29.73 -10.33
N LYS A 677 -10.92 28.93 -10.98
CA LYS A 677 -11.04 28.64 -12.42
C LYS A 677 -12.22 27.71 -12.75
N GLN A 678 -12.43 26.71 -11.89
CA GLN A 678 -13.45 25.69 -12.10
C GLN A 678 -13.87 25.12 -10.76
N HIS A 679 -15.18 25.04 -10.54
CA HIS A 679 -15.71 24.47 -9.31
C HIS A 679 -15.53 22.98 -9.32
N LEU A 680 -14.81 22.45 -8.34
CA LEU A 680 -14.57 21.01 -8.25
C LEU A 680 -14.66 20.47 -6.83
N MET A 681 -15.18 21.27 -5.91
CA MET A 681 -15.39 20.84 -4.55
C MET A 681 -16.70 20.06 -4.51
N PHE A 682 -16.59 18.73 -4.71
CA PHE A 682 -17.77 17.88 -4.80
C PHE A 682 -17.85 17.03 -3.52
N MET A 683 -18.68 17.49 -2.59
CA MET A 683 -18.86 16.80 -1.32
C MET A 683 -20.17 16.01 -1.28
N ASP A 684 -20.03 14.69 -1.19
CA ASP A 684 -21.15 13.75 -1.28
C ASP A 684 -21.29 12.92 -0.01
N ARG A 685 -22.48 12.38 0.20
CA ARG A 685 -22.71 11.56 1.38
C ARG A 685 -21.83 10.31 1.31
N GLU A 686 -21.18 10.01 2.42
CA GLU A 686 -20.29 8.87 2.49
C GLU A 686 -21.00 7.73 3.24
N ALA A 687 -21.08 7.85 4.57
CA ALA A 687 -21.65 6.78 5.40
C ALA A 687 -22.95 7.19 6.09
N ILE A 688 -23.82 6.22 6.29
CA ILE A 688 -24.98 6.35 7.16
C ILE A 688 -24.81 5.37 8.31
N ALA A 689 -24.82 5.88 9.54
CA ALA A 689 -24.52 5.07 10.72
C ALA A 689 -25.57 5.19 11.81
N GLY A 690 -25.84 4.07 12.47
CA GLY A 690 -26.76 4.06 13.60
C GLY A 690 -26.88 2.67 14.17
N PRO A 691 -27.52 2.55 15.35
CA PRO A 691 -27.83 1.23 15.93
C PRO A 691 -29.04 0.60 15.22
N PRO A 692 -29.16 -0.75 15.27
CA PRO A 692 -30.38 -1.39 14.76
C PRO A 692 -31.62 -0.83 15.44
N LEU A 693 -32.69 -0.64 14.67
CA LEU A 693 -33.94 -0.10 15.21
C LEU A 693 -34.42 -0.93 16.40
N GLY A 694 -34.73 -0.27 17.51
CA GLY A 694 -35.25 -0.93 18.70
C GLY A 694 -34.22 -1.62 19.57
N SER A 695 -32.95 -1.62 19.15
CA SER A 695 -31.86 -2.19 19.96
C SER A 695 -31.41 -1.22 21.06
N LYS A 696 -30.54 -1.70 21.95
CA LYS A 696 -29.89 -0.83 22.92
C LYS A 696 -28.51 -0.36 22.44
N GLY A 697 -28.22 -0.62 21.16
CA GLY A 697 -26.95 -0.23 20.57
C GLY A 697 -26.74 1.26 20.63
N ILE A 698 -25.49 1.69 20.76
CA ILE A 698 -25.20 3.13 20.84
C ILE A 698 -24.87 3.77 19.48
N GLY A 699 -24.74 2.94 18.45
CA GLY A 699 -24.53 3.46 17.10
C GLY A 699 -23.09 3.78 16.76
N GLY A 700 -22.46 4.65 17.55
CA GLY A 700 -21.08 5.09 17.29
C GLY A 700 -20.45 5.76 18.50
N PHE A 701 -19.14 6.03 18.41
CA PHE A 701 -18.41 6.84 19.41
C PHE A 701 -17.08 7.41 18.87
N TRP A 702 -16.67 8.55 19.43
CA TRP A 702 -15.30 9.10 19.28
C TRP A 702 -14.61 9.07 20.62
N THR A 703 -13.30 8.84 20.62
CA THR A 703 -12.47 9.01 21.82
C THR A 703 -11.56 10.26 21.72
N GLY A 704 -11.29 10.69 20.49
CA GLY A 704 -10.41 11.81 20.22
C GLY A 704 -10.21 11.96 18.72
N LYS A 705 -9.27 12.80 18.33
CA LYS A 705 -8.93 12.94 16.93
C LYS A 705 -8.42 11.60 16.41
N LYS A 706 -8.84 11.26 15.20
CA LYS A 706 -8.39 10.06 14.47
C LYS A 706 -8.70 8.73 15.17
N ARG A 707 -9.64 8.77 16.13
CA ARG A 707 -10.02 7.58 16.87
C ARG A 707 -11.54 7.47 17.08
N TYR A 708 -12.18 6.61 16.30
CA TYR A 708 -13.64 6.49 16.33
C TYR A 708 -14.16 5.18 15.72
N ALA A 709 -15.43 4.89 16.03
CA ALA A 709 -16.09 3.68 15.59
C ALA A 709 -17.56 3.96 15.24
N LEU A 710 -18.03 3.39 14.13
CA LEU A 710 -19.41 3.55 13.65
C LEU A 710 -19.99 2.23 13.10
N ASN A 711 -21.27 2.00 13.39
CA ASN A 711 -22.02 0.91 12.80
C ASN A 711 -22.65 1.41 11.50
N VAL A 712 -22.08 1.01 10.38
CA VAL A 712 -22.47 1.58 9.10
C VAL A 712 -23.44 0.67 8.34
N TRP A 713 -24.52 1.26 7.83
CA TRP A 713 -25.52 0.53 7.05
C TRP A 713 -25.39 0.75 5.57
N ASP A 714 -24.94 1.94 5.17
CA ASP A 714 -24.71 2.26 3.76
C ASP A 714 -23.41 3.05 3.62
N MET A 715 -22.62 2.72 2.59
CA MET A 715 -21.34 3.39 2.34
C MET A 715 -21.14 3.66 0.86
N GLU A 716 -21.19 4.94 0.49
CA GLU A 716 -20.99 5.38 -0.90
C GLU A 716 -21.93 4.71 -1.90
N GLY A 717 -23.17 4.49 -1.50
CA GLY A 717 -24.14 3.84 -2.38
C GLY A 717 -24.16 2.33 -2.27
N THR A 718 -23.33 1.77 -1.38
CA THR A 718 -23.41 0.33 -1.08
C THR A 718 -24.27 0.11 0.15
N ARG A 719 -25.46 -0.47 -0.04
CA ARG A 719 -26.29 -0.92 1.08
C ARG A 719 -25.87 -2.33 1.47
N TYR A 720 -25.31 -2.47 2.67
CA TYR A 720 -24.80 -3.75 3.12
C TYR A 720 -25.94 -4.70 3.48
N ALA A 721 -25.73 -5.99 3.21
CA ALA A 721 -26.64 -7.04 3.67
C ALA A 721 -26.62 -7.10 5.19
N GLU A 722 -25.44 -6.94 5.77
CA GLU A 722 -25.25 -6.93 7.22
C GLU A 722 -24.46 -5.68 7.59
N PRO A 723 -24.81 -5.02 8.71
CA PRO A 723 -24.05 -3.82 9.10
C PRO A 723 -22.54 -4.11 9.21
N LYS A 724 -21.73 -3.16 8.74
CA LYS A 724 -20.27 -3.27 8.81
C LYS A 724 -19.71 -2.22 9.77
N LEU A 725 -18.73 -2.60 10.59
CA LEU A 725 -18.15 -1.64 11.53
C LEU A 725 -17.08 -0.83 10.81
N LYS A 726 -17.15 0.49 10.91
CA LYS A 726 -16.07 1.31 10.39
C LYS A 726 -15.31 1.81 11.58
N ILE A 727 -14.13 1.22 11.79
CA ILE A 727 -13.31 1.57 12.95
C ILE A 727 -12.02 2.23 12.49
N MET A 728 -11.76 3.42 13.02
CA MET A 728 -10.57 4.14 12.63
C MET A 728 -9.69 4.44 13.83
N GLY A 729 -8.40 4.16 13.68
CA GLY A 729 -7.41 4.52 14.70
C GLY A 729 -7.38 3.68 15.96
N LEU A 730 -8.50 3.05 16.30
CA LEU A 730 -8.56 2.21 17.50
C LEU A 730 -7.68 0.96 17.36
N GLU A 731 -7.32 0.37 18.50
CA GLU A 731 -6.36 -0.73 18.56
C GLU A 731 -6.69 -1.94 17.68
N THR A 732 -7.97 -2.12 17.35
CA THR A 732 -8.39 -3.19 16.45
C THR A 732 -7.75 -3.02 15.09
N GLN A 733 -7.33 -1.79 14.76
CA GLN A 733 -6.83 -1.45 13.43
C GLN A 733 -5.32 -1.44 13.37
N LYS A 734 -4.68 -1.68 14.52
CA LYS A 734 -3.23 -1.55 14.63
C LYS A 734 -2.54 -2.91 14.58
N SER A 735 -1.50 -2.99 13.75
CA SER A 735 -0.76 -4.24 13.56
C SER A 735 0.04 -4.66 14.79
N SER A 736 0.25 -3.74 15.72
CA SER A 736 0.98 -3.97 16.96
C SER A 736 0.14 -4.61 18.06
N THR A 737 -1.17 -4.57 17.90
CA THR A 737 -2.11 -5.20 18.82
C THR A 737 -2.16 -6.69 18.52
N PRO A 738 -2.09 -7.55 19.56
CA PRO A 738 -2.18 -9.01 19.38
C PRO A 738 -3.41 -9.42 18.56
N LYS A 739 -3.28 -10.42 17.70
CA LYS A 739 -4.38 -10.85 16.82
C LYS A 739 -5.67 -11.14 17.58
N ALA A 740 -5.56 -11.91 18.67
CA ALA A 740 -6.73 -12.33 19.43
C ALA A 740 -7.38 -11.15 20.18
N VAL A 741 -6.56 -10.17 20.53
CA VAL A 741 -7.05 -8.96 21.17
C VAL A 741 -7.80 -8.06 20.15
N GLN A 742 -7.26 -7.90 18.95
CA GLN A 742 -7.98 -7.22 17.89
C GLN A 742 -9.40 -7.78 17.77
N LYS A 743 -9.46 -9.11 17.69
CA LYS A 743 -10.70 -9.86 17.52
C LYS A 743 -11.66 -9.60 18.69
N ALA A 744 -11.13 -9.63 19.91
CA ALA A 744 -11.95 -9.44 21.10
C ALA A 744 -12.43 -8.00 21.30
N LEU A 745 -11.53 -7.03 21.10
CA LEU A 745 -11.88 -5.60 21.13
C LEU A 745 -12.91 -5.24 20.04
N LYS A 746 -12.81 -5.84 18.87
CA LYS A 746 -13.78 -5.60 17.79
C LYS A 746 -15.16 -6.12 18.17
N GLU A 747 -15.22 -7.32 18.75
CA GLU A 747 -16.48 -7.87 19.21
C GLU A 747 -17.05 -7.02 20.35
N CYS A 748 -16.21 -6.58 21.29
CA CYS A 748 -16.61 -5.60 22.31
C CYS A 748 -17.25 -4.38 21.67
N ILE A 749 -16.58 -3.83 20.65
CA ILE A 749 -17.11 -2.67 19.92
C ILE A 749 -18.42 -3.03 19.21
N ARG A 750 -18.45 -4.16 18.50
CA ARG A 750 -19.68 -4.62 17.85
C ARG A 750 -20.82 -4.61 18.85
N ARG A 751 -20.60 -5.21 20.02
CA ARG A 751 -21.65 -5.29 21.03
C ARG A 751 -22.10 -3.92 21.53
N MET A 752 -21.14 -3.02 21.77
CA MET A 752 -21.46 -1.64 22.19
C MET A 752 -22.38 -0.97 21.18
N LEU A 753 -21.99 -1.03 19.91
CA LEU A 753 -22.65 -0.25 18.87
C LEU A 753 -23.98 -0.84 18.44
N GLN A 754 -24.11 -2.16 18.55
CA GLN A 754 -25.27 -2.86 18.01
C GLN A 754 -26.22 -3.38 19.08
N GLU A 755 -25.69 -3.70 20.25
CA GLU A 755 -26.46 -4.47 21.23
C GLU A 755 -26.62 -3.79 22.58
N GLY A 756 -25.57 -3.13 23.06
CA GLY A 756 -25.64 -2.38 24.31
C GLY A 756 -24.65 -2.77 25.39
N GLU A 757 -24.68 -2.00 26.47
CA GLU A 757 -23.80 -2.19 27.63
C GLU A 757 -23.86 -3.61 28.20
N GLU A 758 -25.07 -4.11 28.45
CA GLU A 758 -25.25 -5.43 29.05
C GLU A 758 -24.58 -6.53 28.18
N SER A 759 -24.83 -6.50 26.87
CA SER A 759 -24.22 -7.48 25.97
C SER A 759 -22.70 -7.39 26.02
N LEU A 760 -22.19 -6.15 26.06
CA LEU A 760 -20.75 -5.88 26.22
C LEU A 760 -20.18 -6.52 27.49
N GLN A 761 -20.88 -6.37 28.60
CA GLN A 761 -20.41 -6.88 29.89
C GLN A 761 -20.37 -8.40 29.89
N GLU A 762 -21.32 -9.02 29.19
CA GLU A 762 -21.37 -10.46 29.07
C GLU A 762 -20.09 -10.94 28.37
N TYR A 763 -19.76 -10.34 27.24
CA TYR A 763 -18.59 -10.75 26.48
C TYR A 763 -17.29 -10.55 27.23
N PHE A 764 -17.16 -9.43 27.92
CA PHE A 764 -15.94 -9.07 28.61
C PHE A 764 -15.61 -10.13 29.64
N LYS A 765 -16.62 -10.48 30.43
CA LYS A 765 -16.46 -11.48 31.47
C LYS A 765 -15.97 -12.79 30.87
N GLU A 766 -16.53 -13.14 29.71
CA GLU A 766 -16.22 -14.40 29.05
C GLU A 766 -14.79 -14.40 28.56
N PHE A 767 -14.37 -13.28 27.99
CA PHE A 767 -13.02 -13.18 27.41
C PHE A 767 -11.95 -13.14 28.49
N GLU A 768 -12.23 -12.47 29.60
CA GLU A 768 -11.28 -12.41 30.72
C GLU A 768 -11.07 -13.81 31.30
N LYS A 769 -12.15 -14.58 31.36
CA LYS A 769 -12.15 -15.94 31.86
C LYS A 769 -11.35 -16.91 31.01
N GLU A 770 -11.33 -16.70 29.70
CA GLU A 770 -10.68 -17.64 28.78
C GLU A 770 -9.34 -17.16 28.23
N PHE A 771 -8.98 -15.91 28.56
CA PHE A 771 -7.76 -15.27 28.07
C PHE A 771 -6.50 -16.16 28.12
N ARG A 772 -6.28 -16.77 29.28
CA ARG A 772 -5.08 -17.56 29.55
C ARG A 772 -5.00 -18.88 28.79
N GLN A 773 -6.05 -19.20 28.03
CA GLN A 773 -6.07 -20.43 27.24
C GLN A 773 -5.67 -20.19 25.81
N LEU A 774 -5.53 -18.92 25.44
CA LEU A 774 -5.20 -18.53 24.07
C LEU A 774 -3.76 -18.88 23.71
N ASN A 775 -3.53 -19.17 22.43
CA ASN A 775 -2.21 -19.47 21.91
C ASN A 775 -1.30 -18.26 22.05
N TYR A 776 -0.06 -18.50 22.49
CA TYR A 776 0.86 -17.42 22.86
C TYR A 776 1.11 -16.42 21.72
N ILE A 777 1.17 -16.91 20.49
CA ILE A 777 1.41 -16.08 19.32
C ILE A 777 0.22 -15.13 19.06
N SER A 778 -1.00 -15.62 19.26
CA SER A 778 -2.21 -14.80 19.13
C SER A 778 -2.33 -13.69 20.19
N ILE A 779 -1.57 -13.79 21.28
CA ILE A 779 -1.63 -12.77 22.32
C ILE A 779 -0.31 -11.99 22.49
N ALA A 780 0.65 -12.25 21.60
CA ALA A 780 1.89 -11.49 21.61
C ALA A 780 1.68 -10.12 20.95
N SER A 781 2.32 -9.08 21.48
CA SER A 781 2.34 -7.79 20.78
C SER A 781 3.31 -7.90 19.63
N VAL A 782 3.30 -6.91 18.75
CA VAL A 782 4.18 -6.87 17.59
C VAL A 782 4.82 -5.50 17.51
N SER A 783 6.08 -5.45 17.10
CA SER A 783 6.74 -4.17 16.80
C SER A 783 7.89 -4.32 15.80
N SER A 784 8.32 -3.19 15.26
CA SER A 784 9.49 -3.14 14.39
C SER A 784 10.74 -2.95 15.22
N ALA A 785 11.77 -3.73 14.90
CA ALA A 785 13.04 -3.69 15.63
C ALA A 785 14.05 -2.75 14.96
N ASN A 786 13.92 -1.45 15.24
CA ASN A 786 14.82 -0.45 14.66
C ASN A 786 15.89 0.02 15.65
N ASN A 787 17.10 0.22 15.15
CA ASN A 787 18.25 0.69 15.95
C ASN A 787 18.55 -0.19 17.16
N ILE A 788 18.59 -1.50 16.92
CA ILE A 788 18.86 -2.48 17.98
C ILE A 788 20.22 -2.21 18.63
N ALA A 789 21.23 -2.02 17.77
CA ALA A 789 22.64 -1.84 18.18
C ALA A 789 22.83 -0.64 19.09
N LYS A 790 22.12 0.44 18.76
CA LYS A 790 22.18 1.70 19.49
C LYS A 790 21.83 1.56 20.98
N TYR A 791 21.11 0.50 21.34
CA TYR A 791 20.72 0.28 22.74
C TYR A 791 21.38 -0.97 23.33
N ASP A 792 22.26 -1.58 22.53
CA ASP A 792 22.98 -2.79 22.92
C ASP A 792 24.28 -2.45 23.65
N VAL A 793 24.23 -2.51 24.98
CA VAL A 793 25.39 -2.23 25.83
C VAL A 793 25.87 -3.51 26.51
N GLY A 794 26.78 -4.21 25.84
CA GLY A 794 27.30 -5.51 26.30
C GLY A 794 26.25 -6.61 26.34
N GLY A 795 25.26 -6.53 25.46
CA GLY A 795 24.13 -7.46 25.46
C GLY A 795 23.00 -7.08 26.41
N PHE A 796 23.12 -5.90 27.02
CA PHE A 796 22.13 -5.41 27.98
C PHE A 796 21.55 -4.06 27.55
N PRO A 797 20.37 -3.68 28.11
CA PRO A 797 19.71 -2.44 27.69
C PRO A 797 20.46 -1.17 28.08
N GLY A 798 20.68 -0.30 27.09
CA GLY A 798 21.27 1.01 27.33
C GLY A 798 20.21 2.02 27.75
N PRO A 799 20.60 3.31 27.87
CA PRO A 799 19.64 4.32 28.34
C PRO A 799 18.51 4.61 27.33
N LYS A 800 17.29 4.75 27.86
CA LYS A 800 16.07 4.94 27.07
C LYS A 800 15.76 3.80 26.10
N CYS A 801 16.22 2.59 26.45
CA CYS A 801 15.94 1.42 25.63
C CYS A 801 14.45 1.13 25.53
N PRO A 802 13.89 1.13 24.31
CA PRO A 802 12.48 0.79 24.11
C PRO A 802 12.16 -0.64 24.57
N PHE A 803 10.95 -0.82 25.07
CA PHE A 803 10.46 -2.10 25.56
C PHE A 803 10.76 -3.25 24.57
N HIS A 804 10.40 -3.06 23.30
CA HIS A 804 10.57 -4.11 22.30
C HIS A 804 12.02 -4.41 22.02
N ILE A 805 12.87 -3.40 22.08
CA ILE A 805 14.32 -3.58 21.93
C ILE A 805 14.91 -4.36 23.13
N ARG A 806 14.51 -4.00 24.35
CA ARG A 806 14.85 -4.80 25.53
C ARG A 806 14.54 -6.28 25.33
N GLY A 807 13.39 -6.56 24.70
CA GLY A 807 12.97 -7.93 24.41
C GLY A 807 13.90 -8.66 23.45
N ILE A 808 14.29 -7.97 22.38
CA ILE A 808 15.27 -8.51 21.43
C ILE A 808 16.58 -8.84 22.14
N LEU A 809 17.07 -7.91 22.96
CA LEU A 809 18.33 -8.11 23.69
C LEU A 809 18.25 -9.30 24.63
N THR A 810 17.10 -9.45 25.27
CA THR A 810 16.84 -10.59 26.13
C THR A 810 16.91 -11.87 25.33
N TYR A 811 16.30 -11.86 24.15
CA TYR A 811 16.33 -12.98 23.23
C TYR A 811 17.78 -13.34 22.86
N ASN A 812 18.56 -12.35 22.42
CA ASN A 812 19.96 -12.54 22.05
C ASN A 812 20.80 -13.23 23.14
N ARG A 813 20.56 -12.86 24.39
CA ARG A 813 21.28 -13.46 25.53
C ARG A 813 20.89 -14.93 25.72
N ALA A 814 19.61 -15.22 25.53
CA ALA A 814 19.09 -16.58 25.71
C ALA A 814 19.52 -17.54 24.59
N ILE A 815 19.77 -17.01 23.38
CA ILE A 815 20.20 -17.85 22.27
C ILE A 815 21.72 -17.79 21.99
N LYS A 816 22.47 -17.18 22.90
CA LYS A 816 23.92 -17.11 22.76
C LYS A 816 24.50 -18.53 22.72
N GLY A 817 25.09 -18.89 21.59
CA GLY A 817 25.68 -20.22 21.40
C GLY A 817 24.76 -21.27 20.82
N ASN A 818 23.54 -20.87 20.46
CA ASN A 818 22.55 -21.78 19.87
C ASN A 818 22.86 -22.10 18.41
N ILE A 819 23.81 -21.36 17.83
CA ILE A 819 24.30 -21.59 16.45
C ILE A 819 23.24 -21.36 15.38
N ASP A 820 22.15 -22.12 15.43
CA ASP A 820 21.10 -22.06 14.42
C ASP A 820 19.73 -21.65 14.96
N ALA A 821 19.72 -20.83 16.01
CA ALA A 821 18.51 -20.15 16.44
C ALA A 821 18.34 -18.89 15.59
N PRO A 822 17.11 -18.63 15.09
CA PRO A 822 16.87 -17.50 14.18
C PRO A 822 17.25 -16.17 14.80
N GLN A 823 18.06 -15.40 14.09
CA GLN A 823 18.48 -14.10 14.59
C GLN A 823 17.40 -13.06 14.29
N VAL A 824 17.28 -12.05 15.16
CA VAL A 824 16.45 -10.90 14.88
C VAL A 824 17.17 -10.02 13.86
N VAL A 825 16.48 -9.72 12.77
CA VAL A 825 17.03 -8.86 11.73
C VAL A 825 16.61 -7.41 11.98
N GLU A 826 17.60 -6.52 11.98
CA GLU A 826 17.41 -5.08 12.11
C GLU A 826 16.33 -4.56 11.17
N GLY A 827 15.39 -3.78 11.71
CA GLY A 827 14.32 -3.20 10.93
C GLY A 827 13.11 -4.09 10.70
N GLU A 828 13.25 -5.39 10.97
CA GLU A 828 12.14 -6.32 10.77
C GLU A 828 11.26 -6.43 12.01
N LYS A 829 10.13 -7.12 11.89
CA LYS A 829 9.16 -7.15 12.98
C LYS A 829 9.29 -8.33 13.95
N VAL A 830 9.06 -8.05 15.23
CA VAL A 830 9.12 -9.09 16.23
C VAL A 830 7.82 -9.18 17.02
N TYR A 831 7.48 -10.39 17.44
CA TYR A 831 6.52 -10.61 18.51
C TYR A 831 7.14 -10.23 19.85
N VAL A 832 6.32 -9.76 20.78
CA VAL A 832 6.81 -9.30 22.08
C VAL A 832 5.89 -9.84 23.18
N LEU A 833 6.48 -10.42 24.22
CA LEU A 833 5.73 -10.83 25.43
C LEU A 833 6.39 -10.35 26.71
N PRO A 834 5.58 -9.88 27.68
CA PRO A 834 6.09 -9.59 29.02
C PRO A 834 6.32 -10.86 29.84
N LEU A 835 7.36 -10.84 30.67
CA LEU A 835 7.72 -11.96 31.55
C LEU A 835 7.51 -11.61 33.03
N ARG A 836 7.08 -12.60 33.82
CA ARG A 836 6.92 -12.42 35.25
C ARG A 836 8.29 -12.30 35.92
N GLU A 837 8.30 -11.67 37.09
CA GLU A 837 9.52 -11.45 37.85
C GLU A 837 10.15 -12.77 38.31
N GLY A 838 11.48 -12.83 38.26
CA GLY A 838 12.23 -14.00 38.71
C GLY A 838 12.49 -15.03 37.63
N ASN A 839 12.11 -14.71 36.39
CA ASN A 839 12.27 -15.59 35.24
C ASN A 839 13.75 -15.85 34.90
N PRO A 840 14.05 -16.96 34.20
CA PRO A 840 15.44 -17.34 33.92
C PRO A 840 16.10 -16.49 32.84
N PHE A 841 15.31 -15.65 32.18
CA PHE A 841 15.82 -14.75 31.12
C PHE A 841 16.42 -13.48 31.69
N GLY A 842 16.10 -13.17 32.94
CA GLY A 842 16.67 -12.04 33.64
C GLY A 842 16.19 -10.68 33.17
N ASP A 843 14.94 -10.62 32.71
CA ASP A 843 14.31 -9.35 32.33
C ASP A 843 12.80 -9.46 32.19
N LYS A 844 12.15 -8.30 32.04
CA LYS A 844 10.69 -8.18 32.07
C LYS A 844 9.98 -8.46 30.74
N CYS A 845 10.74 -8.72 29.67
CA CYS A 845 10.13 -9.05 28.38
C CYS A 845 11.08 -9.80 27.47
N ILE A 846 10.52 -10.47 26.46
CA ILE A 846 11.30 -11.13 25.42
C ILE A 846 10.65 -10.87 24.07
N ALA A 847 11.44 -10.88 23.01
CA ALA A 847 10.95 -10.66 21.66
C ALA A 847 11.64 -11.58 20.66
N TRP A 848 10.93 -12.00 19.62
CA TRP A 848 11.50 -12.86 18.59
C TRP A 848 10.91 -12.55 17.23
N PRO A 849 11.57 -12.97 16.14
CA PRO A 849 11.07 -12.66 14.80
C PRO A 849 9.63 -13.11 14.57
N SER A 850 8.81 -12.18 14.08
CA SER A 850 7.38 -12.40 13.94
C SER A 850 7.09 -13.33 12.77
N GLY A 851 5.88 -13.91 12.81
CA GLY A 851 5.49 -14.92 11.84
C GLY A 851 6.13 -16.26 12.11
N THR A 852 6.96 -16.33 13.16
CA THR A 852 7.63 -17.59 13.53
C THR A 852 7.27 -18.04 14.93
N GLU A 853 7.37 -19.36 15.14
CA GLU A 853 7.38 -19.93 16.47
C GLU A 853 8.72 -19.57 17.08
N ILE A 854 8.71 -19.22 18.36
CA ILE A 854 9.95 -18.95 19.07
C ILE A 854 10.71 -20.26 19.18
N THR A 855 12.03 -20.21 19.02
CA THR A 855 12.88 -21.42 18.98
C THR A 855 12.63 -22.39 20.16
N ASP A 856 12.59 -23.68 19.84
CA ASP A 856 12.19 -24.73 20.78
C ASP A 856 12.96 -24.74 22.09
N LEU A 857 14.24 -24.37 22.04
CA LEU A 857 15.11 -24.42 23.21
C LEU A 857 14.75 -23.43 24.32
N ILE A 858 14.02 -22.38 23.95
CA ILE A 858 13.55 -21.40 24.94
C ILE A 858 12.02 -21.27 24.97
N LYS A 859 11.35 -21.94 24.05
CA LYS A 859 9.89 -21.88 23.97
C LYS A 859 9.22 -22.30 25.29
N ASP A 860 9.61 -23.46 25.79
CA ASP A 860 9.13 -24.00 27.06
C ASP A 860 9.15 -22.94 28.19
N ASP A 861 10.28 -22.25 28.33
CA ASP A 861 10.44 -21.24 29.37
C ASP A 861 9.57 -20.00 29.14
N VAL A 862 9.51 -19.54 27.89
CA VAL A 862 8.64 -18.41 27.54
C VAL A 862 7.20 -18.71 27.98
N LEU A 863 6.66 -19.85 27.55
CA LEU A 863 5.30 -20.27 27.91
C LEU A 863 5.08 -20.34 29.42
N HIS A 864 6.10 -20.74 30.15
CA HIS A 864 6.04 -20.87 31.61
C HIS A 864 6.05 -19.54 32.32
N TRP A 865 6.76 -18.56 31.76
CA TRP A 865 7.02 -17.29 32.45
C TRP A 865 6.26 -16.10 31.93
N MET A 866 5.40 -16.35 30.94
CA MET A 866 4.53 -15.31 30.38
C MET A 866 3.73 -14.60 31.46
N ASP A 867 3.71 -13.28 31.41
CA ASP A 867 2.84 -12.52 32.30
C ASP A 867 1.50 -12.22 31.63
N TYR A 868 0.52 -13.07 31.87
CA TYR A 868 -0.82 -12.91 31.30
C TYR A 868 -1.55 -11.69 31.88
N THR A 869 -1.31 -11.44 33.16
CA THR A 869 -1.93 -10.32 33.87
C THR A 869 -1.54 -9.00 33.20
N VAL A 870 -0.24 -8.80 33.03
CA VAL A 870 0.28 -7.60 32.37
C VAL A 870 -0.24 -7.51 30.93
N LEU A 871 -0.21 -8.63 30.23
CA LEU A 871 -0.65 -8.70 28.86
C LEU A 871 -2.12 -8.28 28.71
N LEU A 872 -2.97 -8.81 29.58
CA LEU A 872 -4.39 -8.47 29.56
C LEU A 872 -4.62 -6.99 29.85
N GLU A 873 -4.01 -6.49 30.92
CA GLU A 873 -4.10 -5.07 31.30
C GLU A 873 -3.67 -4.14 30.17
N LYS A 874 -2.46 -4.36 29.66
CA LYS A 874 -1.88 -3.46 28.65
C LYS A 874 -2.59 -3.52 27.31
N THR A 875 -2.85 -4.72 26.81
CA THR A 875 -3.35 -4.83 25.42
C THR A 875 -4.86 -4.78 25.30
N PHE A 876 -5.57 -5.32 26.28
CA PHE A 876 -7.02 -5.42 26.16
C PHE A 876 -7.77 -4.42 27.04
N ILE A 877 -7.53 -4.47 28.35
CA ILE A 877 -8.28 -3.67 29.33
C ILE A 877 -8.09 -2.16 29.18
N LYS A 878 -6.84 -1.73 29.05
CA LYS A 878 -6.53 -0.31 28.98
C LYS A 878 -7.18 0.36 27.75
N PRO A 879 -7.06 -0.25 26.53
CA PRO A 879 -7.77 0.30 25.37
C PRO A 879 -9.29 0.24 25.52
N LEU A 880 -9.81 -0.83 26.14
CA LEU A 880 -11.25 -0.98 26.28
C LEU A 880 -11.81 0.05 27.27
N GLU A 881 -11.02 0.37 28.30
CA GLU A 881 -11.40 1.41 29.24
C GLU A 881 -11.47 2.75 28.50
N GLY A 882 -10.56 2.95 27.55
CA GLY A 882 -10.54 4.14 26.71
C GLY A 882 -11.81 4.26 25.91
N PHE A 883 -12.25 3.16 25.28
CA PHE A 883 -13.47 3.16 24.45
C PHE A 883 -14.70 3.43 25.31
N THR A 884 -14.78 2.75 26.45
CA THR A 884 -16.00 2.74 27.25
C THR A 884 -16.24 4.04 28.02
N SER A 885 -15.18 4.61 28.58
CA SER A 885 -15.28 5.93 29.22
C SER A 885 -15.70 7.00 28.19
N ALA A 886 -15.11 6.96 26.99
CA ALA A 886 -15.50 7.89 25.93
C ALA A 886 -17.00 7.77 25.64
N ALA A 887 -17.49 6.53 25.59
CA ALA A 887 -18.88 6.25 25.26
C ALA A 887 -19.80 6.34 26.47
N LYS A 888 -19.23 6.68 27.63
CA LYS A 888 -19.99 6.81 28.89
C LYS A 888 -20.76 5.52 29.15
N LEU A 889 -20.00 4.44 29.24
CA LEU A 889 -20.51 3.08 29.32
C LEU A 889 -19.53 2.32 30.19
N ASP A 890 -19.96 1.23 30.80
CA ASP A 890 -19.09 0.42 31.67
C ASP A 890 -18.89 -0.99 31.12
N TYR A 891 -17.64 -1.47 31.14
CA TYR A 891 -17.38 -2.84 30.70
C TYR A 891 -17.60 -3.86 31.81
N GLU A 892 -17.52 -3.38 33.05
CA GLU A 892 -17.82 -4.17 34.24
C GLU A 892 -18.96 -3.50 34.99
N LYS A 893 -19.95 -4.28 35.43
CA LYS A 893 -21.00 -3.75 36.33
C LYS A 893 -20.39 -3.08 37.57
N LYS A 894 -20.60 -1.78 37.71
CA LYS A 894 -20.17 -1.03 38.89
C LYS A 894 -21.00 -1.43 40.12
N ALA A 895 -20.43 -1.27 41.31
CA ALA A 895 -21.15 -1.55 42.56
C ALA A 895 -22.27 -0.53 42.78
N SER A 896 -23.32 -0.95 43.51
CA SER A 896 -24.50 -0.13 43.73
C SER A 896 -25.33 -0.69 44.86
N LEU A 897 -26.36 0.06 45.27
CA LEU A 897 -27.21 -0.31 46.41
C LEU A 897 -27.99 -1.62 46.20
N PHE A 898 -28.16 -2.02 44.95
CA PHE A 898 -28.85 -3.26 44.59
C PHE A 898 -28.10 -4.51 45.04
N ASP A 899 -26.77 -4.40 45.10
CA ASP A 899 -25.89 -5.48 45.57
C ASP A 899 -26.27 -6.01 46.96
N MET A 900 -27.11 -5.27 47.67
CA MET A 900 -27.62 -5.69 48.97
C MET A 900 -28.71 -6.77 48.85
N PHE A 901 -29.18 -7.01 47.62
CA PHE A 901 -30.28 -7.94 47.37
C PHE A 901 -29.84 -9.26 46.75
N ASP A 902 -30.58 -10.32 47.07
CA ASP A 902 -30.34 -11.66 46.51
C ASP A 902 -31.36 -12.00 45.41
OP2 4DU C 11 -1.10 -1.09 11.81
P 4DU C 11 -0.25 0.11 11.81
OP1 4DU C 11 0.78 0.29 10.77
O5' 4DU C 11 -1.18 1.39 11.60
C5' 4DU C 11 -2.42 1.51 12.32
C4' 4DU C 11 -2.91 2.93 12.32
C3' 4DU C 11 -3.72 3.33 11.09
O3' 4DU C 11 -5.06 3.44 11.54
C2' 4DU C 11 -3.17 4.68 10.67
C1' 4DU C 11 -2.29 5.10 11.85
O4' 4DU C 11 -1.82 3.89 12.39
N9 4DU C 11 -1.14 5.91 11.45
C4 4DU C 11 -1.07 7.29 11.48
C3 4DU C 11 -2.02 8.14 11.87
C2 4DU C 11 -1.59 9.40 11.77
N1 4DU C 11 -0.42 9.86 11.34
C6 4DU C 11 0.53 8.97 10.94
N6 4DU C 11 1.71 9.43 10.53
C5 4DU C 11 0.20 7.60 11.02
N7 4DU C 11 0.91 6.45 10.71
C8 4DU C 11 0.07 5.48 10.97
N1 DOC C 13 -4.64 11.02 5.74
C2 DOC C 13 -3.39 11.56 5.43
N3 DOC C 13 -2.42 10.74 4.96
C4 DOC C 13 -2.67 9.44 4.78
C5 DOC C 13 -3.94 8.87 5.08
C6 DOC C 13 -4.89 9.69 5.55
O2 DOC C 13 -3.20 12.77 5.59
N4 DOC C 13 -1.68 8.67 4.32
C1' DOC C 13 -5.68 11.93 6.26
C2' DOC C 13 -6.51 12.63 5.18
C3' DOC C 13 -7.86 11.96 5.24
C4' DOC C 13 -7.94 11.49 6.69
O4' DOC C 13 -6.58 11.17 7.05
C5' DOC C 13 -8.80 10.27 6.91
O5' DOC C 13 -9.04 10.10 8.31
P DOC C 13 -9.78 8.81 8.88
OP1 DOC C 13 -10.97 9.31 9.60
OP2 DOC C 13 -9.93 7.79 7.81
PG DTP D . -11.27 10.05 -2.23
O1G DTP D . -12.11 10.54 -1.09
O2G DTP D . -11.73 10.46 -3.59
O3G DTP D . -10.86 8.60 -2.10
PB DTP D . -9.34 11.89 -1.10
O1B DTP D . -7.93 12.16 -1.53
O2B DTP D . -10.32 13.03 -1.05
O3B DTP D . -9.84 10.79 -2.16
PA DTP D . -8.63 10.90 1.61
O1A DTP D . -7.87 9.60 1.52
O2A DTP D . -9.54 11.05 2.78
O3A DTP D . -9.53 11.08 0.29
O5' DTP D . -7.54 12.08 1.61
C5' DTP D . -7.87 13.45 1.71
C4' DTP D . -6.64 14.26 1.35
O4' DTP D . -5.60 14.07 2.33
C3' DTP D . -5.99 13.86 0.04
O3' DTP D . -6.65 14.36 -1.13
C2' DTP D . -4.60 14.42 0.23
C1' DTP D . -4.32 14.06 1.69
N9 DTP D . -3.75 12.70 1.66
C8 DTP D . -4.36 11.53 1.95
N7 DTP D . -3.51 10.48 1.75
C5 DTP D . -2.35 10.97 1.31
C6 DTP D . -1.03 10.43 0.92
N6 DTP D . -0.79 9.10 0.97
N1 DTP D . -0.07 11.31 0.52
C2 DTP D . -0.27 12.64 0.46
N3 DTP D . -1.45 13.20 0.80
C4 DTP D . -2.50 12.44 1.24
CA CA E . -12.20 12.35 0.15
CA CA F . -11.50 11.49 3.80
CA CA G . -33.49 -17.88 -3.64
CA CA H . -15.76 9.54 -1.46
CA CA I . 12.44 -21.37 1.35
CA CA J . 15.90 -23.68 28.21
CA CA K . -23.84 15.16 -5.42
#